data_8H68
#
_entry.id   8H68
#
_cell.length_a   50.026
_cell.length_b   91.867
_cell.length_c   133.302
_cell.angle_alpha   90.00
_cell.angle_beta   90.00
_cell.angle_gamma   90.00
#
_symmetry.space_group_name_H-M   'P 21 21 21'
#
loop_
_entity.id
_entity.type
_entity.pdbx_description
1 polymer 'Maltose/maltodextrin-binding periplasmic protein,DNA N6-methyl adenine demethylase'
2 branched alpha-D-glucopyranose-(1-4)-alpha-D-glucopyranose-(1-4)-alpha-D-glucopyranose-(1-4)-alpha-D-glucopyranose
3 non-polymer 2-AMINO-2-HYDROXYMETHYL-PROPANE-1,3-DIOL
4 non-polymer GLYCINE
5 non-polymer N-OXALYLGLYCINE
6 non-polymer 'MAGNESIUM ION'
7 non-polymer '4-(2-HYDROXYETHYL)-1-PIPERAZINE ETHANESULFONIC ACID'
8 non-polymer DI(HYDROXYETHYL)ETHER
9 water water
#
_entity_poly.entity_id   1
_entity_poly.type   'polypeptide(L)'
_entity_poly.pdbx_seq_one_letter_code
;GSKIEEGKLVIWINGDKGYNGLAEVGKKFEKDTGIKVTVEHPDKLEEKFPQVAATGDGPDIIFWAHDRFGGYAQSGLLAE
ITPDKAFQDKLYPFTWDAVRYNGKLIAYPIAVEALSLIYNKDLLPNPPKTWEEIPALDKELKAKGKSALMFNLQEPYFTW
PLIAADGGYAFKYENGKYDIKDVGVDNAGAKAGLTFLVDLIKNKHMNADTDYSIAEAAFNKGETAMTINGPWAWSNIDTS
KVNYGVTVLPTFKGQPSKPFVGVLSAGINAASPNKELAKEFLENYLLTDEGLEAVNKDKPLGAVALKSYEEELAKDPRIA
ATMENAQKGEIMPNIPQMSAFWYAVRTAVINAASGRQTVDEALKDAQTNAAALEEDKHVNYKVFIYDHIRQIAIPTTNLN
SQSSLEDIIDESTSCQSVSTDGSIEIDGLTLIHNFLSESEESKILNMIDTVEWAQSQSGRRKQDYGPKVNFKHKKVKTDT
FVGMPEYADMLLNKMSEYDVKKLGNYQPFEMCNLEYEEVKKSAIEMHQDDMWIWGNRLISINLINGSVMTLSNDNKSFLC
YVHMPHRSLLCMADECRYDWKHGVLAHHIRGRRIALTMREAAKDFAEGGELYEKYGAELIRLGNIRVPLSKTSV
;
_entity_poly.pdbx_strand_id   A
#
loop_
_chem_comp.id
_chem_comp.type
_chem_comp.name
_chem_comp.formula
EPE non-polymer '4-(2-HYDROXYETHYL)-1-PIPERAZINE ETHANESULFONIC ACID' 'C8 H18 N2 O4 S'
GLC D-saccharide, alpha linking alpha-D-glucopyranose 'C6 H12 O6'
MG non-polymer 'MAGNESIUM ION' 'Mg 2'
OGA non-polymer N-OXALYLGLYCINE 'C4 H5 N O5'
PEG non-polymer DI(HYDROXYETHYL)ETHER 'C4 H10 O3'
TRS non-polymer 2-AMINO-2-HYDROXYMETHYL-PROPANE-1,3-DIOL 'C4 H12 N O3 1'
#
# COMPACT_ATOMS: atom_id res chain seq x y z
N LYS A 3 9.83 -0.42 -20.37
CA LYS A 3 8.61 -1.20 -20.36
C LYS A 3 8.80 -2.59 -19.76
N ILE A 4 7.97 -3.52 -20.24
CA ILE A 4 7.97 -4.90 -19.79
C ILE A 4 8.73 -5.73 -20.79
N GLU A 5 9.62 -6.59 -20.29
CA GLU A 5 10.42 -7.44 -21.16
C GLU A 5 9.55 -8.41 -21.94
N GLU A 6 9.77 -8.49 -23.25
CA GLU A 6 9.17 -9.55 -24.04
C GLU A 6 9.85 -10.88 -23.77
N GLY A 7 9.12 -11.97 -23.99
CA GLY A 7 9.69 -13.31 -23.97
C GLY A 7 9.74 -13.97 -22.63
N LYS A 8 9.26 -13.32 -21.56
CA LYS A 8 9.18 -13.92 -20.23
C LYS A 8 7.96 -13.37 -19.53
N LEU A 9 7.55 -14.04 -18.44
CA LEU A 9 6.38 -13.64 -17.66
C LEU A 9 6.79 -13.29 -16.24
N VAL A 10 6.39 -12.10 -15.79
CA VAL A 10 6.55 -11.68 -14.41
C VAL A 10 5.16 -11.66 -13.78
N ILE A 11 5.03 -12.29 -12.61
CA ILE A 11 3.75 -12.48 -11.93
C ILE A 11 3.82 -11.90 -10.52
N TRP A 12 2.80 -11.13 -10.15
CA TRP A 12 2.62 -10.61 -8.80
C TRP A 12 1.45 -11.31 -8.13
N ILE A 13 1.69 -11.87 -6.94
CA ILE A 13 0.64 -12.46 -6.12
C ILE A 13 0.96 -12.17 -4.65
N ASN A 14 -0.08 -12.01 -3.85
CA ASN A 14 0.11 -11.58 -2.45
C ASN A 14 0.89 -12.62 -1.65
N GLY A 15 1.57 -12.15 -0.61
CA GLY A 15 2.44 -12.96 0.25
C GLY A 15 1.73 -13.99 1.13
N ASP A 16 0.40 -13.94 1.24
CA ASP A 16 -0.32 -14.94 2.03
C ASP A 16 -0.83 -16.11 1.19
N LYS A 17 -0.65 -16.06 -0.13
CA LYS A 17 -1.10 -17.10 -1.05
C LYS A 17 0.06 -18.05 -1.35
N GLY A 18 -0.26 -19.13 -2.07
CA GLY A 18 0.74 -20.12 -2.38
C GLY A 18 1.67 -19.77 -3.53
N TYR A 19 2.50 -18.73 -3.35
CA TYR A 19 3.34 -18.29 -4.46
C TYR A 19 4.41 -19.32 -4.80
N ASN A 20 4.83 -20.16 -3.84
CA ASN A 20 5.80 -21.20 -4.16
C ASN A 20 5.19 -22.31 -4.99
N GLY A 21 3.92 -22.65 -4.75
CA GLY A 21 3.22 -23.55 -5.65
C GLY A 21 3.02 -22.93 -7.03
N LEU A 22 2.67 -21.65 -7.06
CA LEU A 22 2.50 -20.96 -8.33
C LEU A 22 3.80 -20.94 -9.13
N ALA A 23 4.93 -20.66 -8.46
CA ALA A 23 6.22 -20.78 -9.13
C ALA A 23 6.49 -22.19 -9.65
N GLU A 24 5.98 -23.23 -8.97
CA GLU A 24 6.18 -24.59 -9.49
C GLU A 24 5.42 -24.79 -10.81
N VAL A 25 4.19 -24.27 -10.91
CA VAL A 25 3.52 -24.24 -12.21
C VAL A 25 4.35 -23.48 -13.23
N GLY A 26 4.99 -22.36 -12.82
CA GLY A 26 5.86 -21.63 -13.73
C GLY A 26 7.04 -22.43 -14.24
N LYS A 27 7.61 -23.31 -13.39
CA LYS A 27 8.69 -24.19 -13.86
C LYS A 27 8.20 -25.14 -14.93
N LYS A 28 7.01 -25.73 -14.73
CA LYS A 28 6.45 -26.63 -15.72
C LYS A 28 6.21 -25.90 -17.03
N PHE A 29 5.79 -24.63 -16.95
CA PHE A 29 5.68 -23.77 -18.12
C PHE A 29 7.04 -23.57 -18.77
N GLU A 30 8.07 -23.30 -17.96
CA GLU A 30 9.40 -23.09 -18.53
C GLU A 30 9.95 -24.39 -19.13
N LYS A 31 9.71 -25.51 -18.48
CA LYS A 31 10.19 -26.81 -18.98
C LYS A 31 9.57 -27.15 -20.33
N ASP A 32 8.36 -26.65 -20.60
CA ASP A 32 7.63 -26.97 -21.83
C ASP A 32 7.85 -25.93 -22.93
N THR A 33 7.96 -24.66 -22.56
CA THR A 33 8.00 -23.58 -23.53
C THR A 33 9.31 -22.81 -23.54
N GLY A 34 10.24 -23.11 -22.65
CA GLY A 34 11.45 -22.33 -22.53
C GLY A 34 11.25 -20.92 -22.03
N ILE A 35 10.01 -20.52 -21.73
CA ILE A 35 9.74 -19.17 -21.25
C ILE A 35 9.91 -19.15 -19.74
N LYS A 36 10.72 -18.23 -19.25
CA LYS A 36 10.95 -18.10 -17.83
C LYS A 36 9.76 -17.40 -17.19
N VAL A 37 9.32 -17.94 -16.06
CA VAL A 37 8.26 -17.34 -15.26
C VAL A 37 8.88 -16.96 -13.92
N THR A 38 8.69 -15.71 -13.53
CA THR A 38 9.20 -15.19 -12.26
C THR A 38 8.02 -14.74 -11.41
N VAL A 39 7.82 -15.41 -10.28
CA VAL A 39 6.72 -15.11 -9.36
C VAL A 39 7.26 -14.26 -8.23
N GLU A 40 6.66 -13.08 -8.02
CA GLU A 40 7.06 -12.17 -6.97
C GLU A 40 5.87 -11.91 -6.07
N HIS A 41 6.14 -11.58 -4.82
CA HIS A 41 5.10 -11.21 -3.86
C HIS A 41 5.46 -9.87 -3.22
N PRO A 42 5.47 -8.80 -4.01
CA PRO A 42 5.79 -7.48 -3.46
C PRO A 42 4.79 -7.06 -2.41
N ASP A 43 5.29 -6.35 -1.40
CA ASP A 43 4.40 -5.71 -0.44
C ASP A 43 3.61 -4.65 -1.18
N LYS A 44 2.35 -4.49 -0.79
CA LYS A 44 1.49 -3.45 -1.35
C LYS A 44 1.35 -3.58 -2.87
N LEU A 45 1.49 -4.80 -3.40
CA LEU A 45 1.46 -5.01 -4.84
C LEU A 45 0.21 -4.40 -5.49
N GLU A 46 -0.93 -4.44 -4.80
CA GLU A 46 -2.18 -3.93 -5.35
C GLU A 46 -2.20 -2.41 -5.40
N GLU A 47 -1.34 -1.75 -4.63
CA GLU A 47 -1.20 -0.31 -4.76
C GLU A 47 -0.15 0.09 -5.78
N LYS A 48 0.90 -0.72 -5.93
CA LYS A 48 1.96 -0.44 -6.87
C LYS A 48 1.52 -0.68 -8.31
N PHE A 49 0.68 -1.69 -8.53
CA PHE A 49 0.35 -2.06 -9.91
C PHE A 49 -0.30 -0.92 -10.67
N PRO A 50 -1.26 -0.15 -10.14
CA PRO A 50 -1.78 0.95 -10.94
C PRO A 50 -0.75 2.03 -11.21
N GLN A 51 0.23 2.26 -10.31
CA GLN A 51 1.22 3.30 -10.62
C GLN A 51 2.22 2.85 -11.68
N VAL A 52 2.65 1.59 -11.67
CA VAL A 52 3.65 1.17 -12.65
C VAL A 52 2.99 0.71 -13.96
N ALA A 53 1.77 0.16 -13.90
CA ALA A 53 1.08 -0.21 -15.13
C ALA A 53 0.75 1.04 -15.98
N ALA A 54 0.37 2.15 -15.33
CA ALA A 54 0.04 3.37 -16.06
C ALA A 54 1.23 4.02 -16.74
N THR A 55 2.46 3.59 -16.44
CA THR A 55 3.65 4.02 -17.17
C THR A 55 4.16 2.93 -18.09
N GLY A 56 3.39 1.87 -18.32
CA GLY A 56 3.82 0.79 -19.19
C GLY A 56 4.72 -0.22 -18.53
N ASP A 57 4.78 -0.24 -17.20
CA ASP A 57 5.67 -1.15 -16.47
C ASP A 57 4.84 -2.08 -15.56
N GLY A 58 5.54 -2.91 -14.78
CA GLY A 58 4.89 -3.81 -13.85
C GLY A 58 4.91 -5.26 -14.30
N PRO A 59 4.12 -6.11 -13.63
CA PRO A 59 4.06 -7.53 -13.99
C PRO A 59 3.20 -7.78 -15.22
N ASP A 60 3.48 -8.88 -15.91
CA ASP A 60 2.55 -9.33 -16.94
C ASP A 60 1.21 -9.73 -16.32
N ILE A 61 1.25 -10.42 -15.18
CA ILE A 61 0.04 -10.96 -14.54
C ILE A 61 0.01 -10.52 -13.08
N ILE A 62 -1.14 -10.00 -12.65
CA ILE A 62 -1.39 -9.61 -11.26
C ILE A 62 -2.51 -10.48 -10.69
N PHE A 63 -2.24 -11.08 -9.53
CA PHE A 63 -3.23 -11.83 -8.77
C PHE A 63 -3.74 -10.97 -7.61
N TRP A 64 -5.07 -10.90 -7.49
CA TRP A 64 -5.72 -10.32 -6.31
C TRP A 64 -7.17 -10.77 -6.33
N ALA A 65 -7.85 -10.57 -5.19
CA ALA A 65 -9.31 -10.67 -5.17
C ALA A 65 -9.90 -9.67 -6.15
N HIS A 66 -11.06 -10.03 -6.70
CA HIS A 66 -11.64 -9.30 -7.81
C HIS A 66 -12.06 -7.87 -7.45
N ASP A 67 -12.17 -7.55 -6.15
CA ASP A 67 -12.68 -6.24 -5.78
C ASP A 67 -11.76 -5.11 -6.22
N ARG A 68 -10.48 -5.40 -6.45
CA ARG A 68 -9.53 -4.39 -6.92
C ARG A 68 -9.64 -4.11 -8.40
N PHE A 69 -10.26 -5.02 -9.18
CA PHE A 69 -9.98 -5.06 -10.61
C PHE A 69 -10.80 -4.04 -11.41
N GLY A 70 -11.96 -3.62 -10.91
CA GLY A 70 -12.74 -2.60 -11.60
C GLY A 70 -12.04 -1.25 -11.60
N GLY A 71 -11.38 -0.91 -10.50
CA GLY A 71 -10.53 0.28 -10.50
C GLY A 71 -9.40 0.21 -11.54
N TYR A 72 -8.76 -0.97 -11.66
CA TYR A 72 -7.74 -1.14 -12.69
C TYR A 72 -8.33 -1.05 -14.09
N ALA A 73 -9.42 -1.77 -14.32
CA ALA A 73 -10.03 -1.79 -15.64
C ALA A 73 -10.51 -0.41 -16.06
N GLN A 74 -11.00 0.39 -15.11
CA GLN A 74 -11.48 1.71 -15.44
C GLN A 74 -10.41 2.56 -16.11
N SER A 75 -9.14 2.40 -15.70
CA SER A 75 -8.04 3.19 -16.24
C SER A 75 -7.39 2.50 -17.43
N GLY A 76 -7.91 1.35 -17.82
CA GLY A 76 -7.37 0.62 -18.95
C GLY A 76 -6.16 -0.23 -18.65
N LEU A 77 -5.86 -0.51 -17.37
CA LEU A 77 -4.66 -1.26 -17.02
C LEU A 77 -4.81 -2.76 -17.21
N LEU A 78 -6.01 -3.27 -17.53
CA LEU A 78 -6.22 -4.69 -17.69
C LEU A 78 -6.65 -4.99 -19.11
N ALA A 79 -5.98 -5.94 -19.75
CA ALA A 79 -6.40 -6.37 -21.07
C ALA A 79 -7.69 -7.16 -20.96
N GLU A 80 -8.56 -7.00 -21.97
CA GLU A 80 -9.72 -7.87 -22.05
C GLU A 80 -9.26 -9.30 -22.32
N ILE A 81 -9.85 -10.26 -21.66
CA ILE A 81 -9.41 -11.62 -21.85
C ILE A 81 -10.41 -12.30 -22.77
N THR A 82 -9.92 -13.26 -23.54
CA THR A 82 -10.62 -13.77 -24.71
C THR A 82 -10.71 -15.29 -24.67
N PRO A 83 -11.29 -15.87 -23.63
CA PRO A 83 -11.42 -17.33 -23.60
C PRO A 83 -12.47 -17.79 -24.59
N ASP A 84 -12.19 -18.91 -25.26
CA ASP A 84 -13.24 -19.48 -26.09
C ASP A 84 -14.30 -20.16 -25.22
N LYS A 85 -15.42 -20.51 -25.86
CA LYS A 85 -16.57 -21.02 -25.12
C LYS A 85 -16.22 -22.30 -24.37
N ALA A 86 -15.38 -23.15 -24.97
CA ALA A 86 -15.01 -24.40 -24.32
C ALA A 86 -14.23 -24.13 -23.05
N PHE A 87 -13.31 -23.16 -23.06
CA PHE A 87 -12.61 -22.87 -21.82
C PHE A 87 -13.53 -22.16 -20.83
N GLN A 88 -14.41 -21.28 -21.29
CA GLN A 88 -15.36 -20.63 -20.38
C GLN A 88 -16.22 -21.64 -19.65
N ASP A 89 -16.58 -22.74 -20.32
CA ASP A 89 -17.43 -23.74 -19.69
C ASP A 89 -16.72 -24.52 -18.59
N LYS A 90 -15.40 -24.41 -18.48
CA LYS A 90 -14.63 -25.14 -17.48
C LYS A 90 -14.73 -24.53 -16.09
N LEU A 91 -15.19 -23.28 -15.96
CA LEU A 91 -15.23 -22.55 -14.70
C LEU A 91 -16.68 -22.19 -14.38
N TYR A 92 -16.99 -22.08 -13.08
CA TYR A 92 -18.37 -21.78 -12.70
C TYR A 92 -18.77 -20.41 -13.21
N PRO A 93 -19.94 -20.27 -13.84
CA PRO A 93 -20.42 -18.96 -14.33
C PRO A 93 -20.39 -17.84 -13.30
N PHE A 94 -20.80 -18.09 -12.05
CA PHE A 94 -20.79 -17.00 -11.07
C PHE A 94 -19.38 -16.47 -10.82
N THR A 95 -18.36 -17.30 -11.02
CA THR A 95 -17.00 -16.78 -10.87
C THR A 95 -16.62 -15.86 -12.02
N TRP A 96 -17.06 -16.17 -13.25
CA TRP A 96 -16.83 -15.26 -14.36
C TRP A 96 -17.47 -13.90 -14.12
N ASP A 97 -18.68 -13.88 -13.54
CA ASP A 97 -19.36 -12.62 -13.34
C ASP A 97 -18.63 -11.73 -12.35
N ALA A 98 -17.88 -12.32 -11.42
CA ALA A 98 -17.10 -11.49 -10.49
C ALA A 98 -15.97 -10.72 -11.20
N VAL A 99 -15.53 -11.17 -12.37
CA VAL A 99 -14.43 -10.50 -13.08
C VAL A 99 -14.93 -9.91 -14.39
N ARG A 100 -16.20 -9.50 -14.41
CA ARG A 100 -16.78 -8.73 -15.50
C ARG A 100 -16.87 -7.27 -15.11
N TYR A 101 -16.49 -6.39 -16.05
CA TYR A 101 -16.52 -4.95 -15.83
C TYR A 101 -17.02 -4.30 -17.10
N ASN A 102 -18.16 -3.62 -17.02
CA ASN A 102 -18.79 -2.97 -18.18
C ASN A 102 -18.88 -3.94 -19.34
N GLY A 103 -19.37 -5.14 -19.04
CA GLY A 103 -19.67 -6.12 -20.07
C GLY A 103 -18.47 -6.72 -20.74
N LYS A 104 -17.33 -6.79 -20.05
CA LYS A 104 -16.11 -7.39 -20.57
C LYS A 104 -15.46 -8.23 -19.48
N LEU A 105 -14.85 -9.34 -19.89
CA LEU A 105 -14.05 -10.13 -18.97
C LEU A 105 -12.67 -9.47 -18.84
N ILE A 106 -12.25 -9.25 -17.60
CA ILE A 106 -11.04 -8.48 -17.28
C ILE A 106 -10.02 -9.30 -16.51
N ALA A 107 -10.33 -10.55 -16.17
CA ALA A 107 -9.40 -11.40 -15.42
C ALA A 107 -9.92 -12.82 -15.50
N TYR A 108 -9.06 -13.76 -15.17
CA TYR A 108 -9.49 -15.12 -14.96
C TYR A 108 -9.84 -15.33 -13.50
N PRO A 109 -10.97 -15.96 -13.18
CA PRO A 109 -11.24 -16.34 -11.78
C PRO A 109 -10.49 -17.62 -11.40
N ILE A 110 -9.98 -17.63 -10.18
CA ILE A 110 -9.14 -18.72 -9.70
C ILE A 110 -9.83 -19.49 -8.57
N ALA A 111 -10.22 -18.81 -7.50
CA ALA A 111 -10.77 -19.49 -6.33
C ALA A 111 -11.67 -18.54 -5.58
N VAL A 112 -12.68 -19.12 -4.94
CA VAL A 112 -13.62 -18.38 -4.08
C VAL A 112 -13.14 -18.48 -2.63
N GLU A 113 -13.14 -17.33 -1.94
CA GLU A 113 -12.64 -17.19 -0.57
C GLU A 113 -13.70 -16.56 0.29
N ALA A 114 -13.80 -17.05 1.52
CA ALA A 114 -14.58 -16.37 2.54
C ALA A 114 -13.96 -16.69 3.89
N LEU A 115 -14.19 -15.81 4.85
CA LEU A 115 -13.72 -16.04 6.20
C LEU A 115 -14.60 -17.09 6.87
N SER A 116 -13.99 -17.90 7.74
CA SER A 116 -14.70 -18.79 8.64
C SER A 116 -14.18 -18.62 10.06
N LEU A 117 -14.94 -19.18 11.02
CA LEU A 117 -14.45 -19.33 12.37
C LEU A 117 -13.57 -20.58 12.44
N ILE A 118 -12.34 -20.40 12.89
CA ILE A 118 -11.42 -21.52 13.07
C ILE A 118 -11.26 -21.69 14.58
N TYR A 119 -11.37 -22.91 15.07
CA TYR A 119 -11.35 -23.10 16.51
C TYR A 119 -10.57 -24.34 16.89
N ASN A 120 -9.99 -24.29 18.08
CA ASN A 120 -9.17 -25.37 18.62
C ASN A 120 -10.12 -26.36 19.34
N LYS A 121 -10.26 -27.58 18.78
CA LYS A 121 -11.23 -28.52 19.35
C LYS A 121 -10.80 -29.02 20.72
N ASP A 122 -9.50 -29.04 21.01
CA ASP A 122 -9.07 -29.52 22.31
C ASP A 122 -9.32 -28.50 23.42
N LEU A 123 -9.34 -27.20 23.09
CA LEU A 123 -9.70 -26.20 24.08
C LEU A 123 -11.21 -25.94 24.13
N LEU A 124 -11.89 -26.06 22.99
CA LEU A 124 -13.26 -25.56 22.83
C LEU A 124 -14.01 -26.52 21.93
N PRO A 125 -14.46 -27.66 22.48
CA PRO A 125 -15.16 -28.65 21.63
C PRO A 125 -16.48 -28.17 21.05
N ASN A 126 -17.16 -27.21 21.69
CA ASN A 126 -18.41 -26.64 21.18
C ASN A 126 -18.24 -25.13 21.00
N PRO A 127 -17.87 -24.69 19.81
CA PRO A 127 -17.63 -23.28 19.60
C PRO A 127 -18.90 -22.46 19.77
N PRO A 128 -18.78 -21.19 20.13
CA PRO A 128 -19.97 -20.38 20.37
C PRO A 128 -20.76 -20.16 19.09
N LYS A 129 -22.08 -20.13 19.23
CA LYS A 129 -22.96 -19.79 18.12
C LYS A 129 -23.11 -18.28 17.95
N THR A 130 -22.80 -17.49 18.98
CA THR A 130 -23.04 -16.06 18.95
C THR A 130 -21.81 -15.31 19.42
N TRP A 131 -21.67 -14.09 18.88
CA TRP A 131 -20.64 -13.16 19.36
C TRP A 131 -20.88 -12.77 20.80
N GLU A 132 -22.15 -12.65 21.21
CA GLU A 132 -22.50 -12.14 22.54
C GLU A 132 -22.00 -13.07 23.66
N GLU A 133 -21.84 -14.35 23.39
CA GLU A 133 -21.34 -15.24 24.44
C GLU A 133 -19.82 -15.32 24.48
N ILE A 134 -19.11 -14.56 23.65
CA ILE A 134 -17.65 -14.64 23.66
C ILE A 134 -17.07 -13.97 24.91
N PRO A 135 -17.58 -12.80 25.36
CA PRO A 135 -17.04 -12.22 26.61
C PRO A 135 -16.98 -13.21 27.76
N ALA A 136 -18.08 -13.92 28.03
CA ALA A 136 -18.08 -14.92 29.10
C ALA A 136 -17.22 -16.12 28.73
N LEU A 137 -17.14 -16.45 27.44
CA LEU A 137 -16.23 -17.51 27.03
C LEU A 137 -14.79 -17.13 27.34
N ASP A 138 -14.44 -15.85 27.16
CA ASP A 138 -13.07 -15.43 27.39
C ASP A 138 -12.74 -15.46 28.88
N LYS A 139 -13.68 -15.08 29.74
CA LYS A 139 -13.42 -15.15 31.18
C LYS A 139 -13.15 -16.58 31.62
N GLU A 140 -13.94 -17.53 31.13
CA GLU A 140 -13.67 -18.93 31.42
C GLU A 140 -12.26 -19.32 30.99
N LEU A 141 -11.90 -18.99 29.74
CA LEU A 141 -10.63 -19.44 29.21
C LEU A 141 -9.47 -18.67 29.82
N LYS A 142 -9.67 -17.37 30.09
CA LYS A 142 -8.63 -16.61 30.78
C LYS A 142 -8.26 -17.26 32.10
N ALA A 143 -9.23 -17.86 32.80
CA ALA A 143 -8.89 -18.51 34.05
C ALA A 143 -8.08 -19.78 33.84
N LYS A 144 -7.93 -20.26 32.60
CA LYS A 144 -7.12 -21.44 32.33
C LYS A 144 -5.86 -21.15 31.52
N GLY A 145 -5.41 -19.89 31.49
CA GLY A 145 -4.21 -19.56 30.76
C GLY A 145 -4.35 -19.49 29.25
N LYS A 146 -5.58 -19.49 28.74
CA LYS A 146 -5.88 -19.29 27.32
C LYS A 146 -6.73 -18.04 27.16
N SER A 147 -7.06 -17.74 25.90
CA SER A 147 -8.03 -16.71 25.55
C SER A 147 -9.03 -17.28 24.56
N ALA A 148 -10.18 -16.62 24.45
CA ALA A 148 -11.21 -17.14 23.55
C ALA A 148 -10.86 -16.89 22.08
N LEU A 149 -10.48 -15.66 21.73
CA LEU A 149 -10.52 -15.31 20.31
C LEU A 149 -9.46 -14.26 20.00
N MET A 150 -8.71 -14.49 18.92
CA MET A 150 -7.71 -13.55 18.42
C MET A 150 -7.75 -13.57 16.90
N PHE A 151 -7.89 -12.41 16.27
CA PHE A 151 -7.82 -12.32 14.82
C PHE A 151 -7.33 -10.94 14.43
N ASN A 152 -6.91 -10.82 13.16
CA ASN A 152 -6.35 -9.58 12.61
C ASN A 152 -7.31 -8.41 12.71
N LEU A 153 -7.02 -7.47 13.60
CA LEU A 153 -7.86 -6.29 13.76
C LEU A 153 -7.41 -5.12 12.91
N GLN A 154 -6.28 -5.25 12.20
CA GLN A 154 -5.74 -4.14 11.41
C GLN A 154 -6.34 -4.05 10.02
N GLU A 155 -7.02 -5.08 9.54
CA GLU A 155 -7.57 -5.08 8.19
C GLU A 155 -9.09 -5.17 8.30
N PRO A 156 -9.85 -4.23 7.74
CA PRO A 156 -11.32 -4.28 7.92
C PRO A 156 -11.96 -5.51 7.30
N TYR A 157 -11.23 -6.26 6.46
CA TYR A 157 -11.79 -7.49 5.91
C TYR A 157 -12.23 -8.46 7.01
N PHE A 158 -11.47 -8.54 8.10
CA PHE A 158 -11.75 -9.50 9.16
C PHE A 158 -12.81 -9.02 10.13
N THR A 159 -13.06 -7.70 10.23
CA THR A 159 -14.10 -7.19 11.11
C THR A 159 -15.39 -6.91 10.35
N TRP A 160 -15.32 -6.75 9.03
CA TRP A 160 -16.52 -6.55 8.24
C TRP A 160 -17.63 -7.58 8.46
N PRO A 161 -17.35 -8.89 8.63
CA PRO A 161 -18.50 -9.81 8.84
C PRO A 161 -19.36 -9.41 10.02
N LEU A 162 -18.74 -8.95 11.12
CA LEU A 162 -19.47 -8.50 12.30
C LEU A 162 -20.17 -7.16 12.07
N ILE A 163 -19.50 -6.24 11.35
CA ILE A 163 -20.09 -4.92 11.09
C ILE A 163 -21.30 -5.06 10.16
N ALA A 164 -21.20 -5.91 9.14
CA ALA A 164 -22.32 -6.11 8.21
C ALA A 164 -23.50 -6.82 8.84
N ALA A 165 -23.26 -7.60 9.92
CA ALA A 165 -24.24 -8.60 10.35
C ALA A 165 -25.60 -7.97 10.64
N ASP A 166 -25.61 -6.84 11.34
CA ASP A 166 -26.84 -6.20 11.77
C ASP A 166 -27.27 -5.09 10.84
N GLY A 167 -26.56 -4.86 9.73
CA GLY A 167 -27.09 -3.88 8.79
C GLY A 167 -26.08 -3.12 7.99
N GLY A 168 -24.79 -3.24 8.35
CA GLY A 168 -23.76 -2.51 7.61
C GLY A 168 -23.63 -3.01 6.19
N TYR A 169 -23.39 -2.09 5.26
CA TYR A 169 -23.09 -2.47 3.89
C TYR A 169 -22.21 -1.42 3.24
N ALA A 170 -21.58 -1.83 2.13
CA ALA A 170 -20.74 -0.93 1.37
C ALA A 170 -21.62 -0.07 0.48
N PHE A 171 -22.09 -0.63 -0.65
CA PHE A 171 -22.96 0.09 -1.58
C PHE A 171 -24.22 -0.73 -1.84
N LYS A 172 -25.36 -0.07 -1.86
CA LYS A 172 -26.62 -0.76 -2.09
C LYS A 172 -26.68 -1.24 -3.53
N TYR A 173 -27.07 -2.51 -3.71
CA TYR A 173 -27.33 -3.06 -5.04
C TYR A 173 -28.80 -2.85 -5.38
N GLU A 174 -29.07 -2.07 -6.43
CA GLU A 174 -30.44 -1.72 -6.78
C GLU A 174 -30.55 -1.53 -8.28
N ASN A 175 -31.56 -2.17 -8.88
CA ASN A 175 -31.81 -2.07 -10.33
C ASN A 175 -30.61 -2.54 -11.15
N GLY A 176 -30.05 -3.69 -10.76
CA GLY A 176 -28.98 -4.31 -11.51
C GLY A 176 -27.66 -3.59 -11.52
N LYS A 177 -27.46 -2.65 -10.58
CA LYS A 177 -26.23 -1.89 -10.47
C LYS A 177 -25.92 -1.64 -8.99
N TYR A 178 -24.65 -1.32 -8.74
CA TYR A 178 -24.23 -0.82 -7.44
C TYR A 178 -24.39 0.69 -7.42
N ASP A 179 -25.08 1.19 -6.40
CA ASP A 179 -25.34 2.63 -6.27
C ASP A 179 -24.29 3.23 -5.34
N ILE A 180 -23.33 3.94 -5.92
CA ILE A 180 -22.30 4.57 -5.10
C ILE A 180 -22.84 5.75 -4.30
N LYS A 181 -24.07 6.18 -4.55
CA LYS A 181 -24.65 7.26 -3.75
C LYS A 181 -25.26 6.79 -2.43
N ASP A 182 -25.35 5.48 -2.21
CA ASP A 182 -26.01 4.89 -1.05
C ASP A 182 -24.96 3.99 -0.37
N VAL A 183 -24.24 4.55 0.59
CA VAL A 183 -23.24 3.85 1.39
C VAL A 183 -23.87 3.50 2.74
N GLY A 184 -23.54 2.32 3.27
CA GLY A 184 -24.10 1.94 4.56
C GLY A 184 -23.07 1.74 5.67
N VAL A 185 -22.01 2.54 5.72
CA VAL A 185 -21.03 2.26 6.78
C VAL A 185 -21.29 3.02 8.08
N ASP A 186 -22.21 3.99 8.10
CA ASP A 186 -22.54 4.65 9.35
C ASP A 186 -24.02 4.50 9.72
N ASN A 187 -24.68 3.45 9.23
CA ASN A 187 -26.04 3.21 9.69
C ASN A 187 -26.03 2.50 11.04
N ALA A 188 -27.23 2.34 11.62
CA ALA A 188 -27.37 1.74 12.93
C ALA A 188 -26.69 0.39 13.02
N GLY A 189 -26.82 -0.43 11.97
CA GLY A 189 -26.26 -1.78 11.99
C GLY A 189 -24.74 -1.78 12.06
N ALA A 190 -24.10 -0.90 11.28
CA ALA A 190 -22.64 -0.84 11.29
C ALA A 190 -22.11 -0.37 12.66
N LYS A 191 -22.76 0.63 13.27
CA LYS A 191 -22.35 1.12 14.58
C LYS A 191 -22.58 0.06 15.66
N ALA A 192 -23.68 -0.68 15.58
CA ALA A 192 -23.91 -1.74 16.55
C ALA A 192 -22.80 -2.77 16.50
N GLY A 193 -22.37 -3.16 15.30
CA GLY A 193 -21.33 -4.18 15.21
C GLY A 193 -19.96 -3.69 15.63
N LEU A 194 -19.57 -2.50 15.19
CA LEU A 194 -18.28 -1.95 15.61
C LEU A 194 -18.28 -1.63 17.10
N THR A 195 -19.42 -1.18 17.62
CA THR A 195 -19.49 -0.96 19.07
C THR A 195 -19.22 -2.24 19.84
N PHE A 196 -19.80 -3.37 19.40
CA PHE A 196 -19.51 -4.64 20.05
C PHE A 196 -18.02 -4.97 19.98
N LEU A 197 -17.39 -4.74 18.82
CA LEU A 197 -15.95 -5.03 18.70
C LEU A 197 -15.13 -4.16 19.65
N VAL A 198 -15.47 -2.88 19.74
CA VAL A 198 -14.73 -1.97 20.61
C VAL A 198 -14.96 -2.33 22.07
N ASP A 199 -16.19 -2.75 22.42
CA ASP A 199 -16.45 -3.22 23.78
C ASP A 199 -15.65 -4.47 24.14
N LEU A 200 -15.46 -5.38 23.17
CA LEU A 200 -14.58 -6.53 23.42
C LEU A 200 -13.17 -6.08 23.81
N ILE A 201 -12.67 -5.02 23.16
CA ILE A 201 -11.31 -4.52 23.42
C ILE A 201 -11.26 -3.76 24.76
N LYS A 202 -12.23 -2.87 25.02
CA LYS A 202 -12.32 -2.17 26.30
C LYS A 202 -12.33 -3.14 27.48
N ASN A 203 -13.06 -4.25 27.35
CA ASN A 203 -13.15 -5.25 28.38
C ASN A 203 -12.02 -6.29 28.30
N LYS A 204 -10.97 -6.00 27.53
CA LYS A 204 -9.73 -6.77 27.56
C LYS A 204 -9.90 -8.21 27.11
N HIS A 205 -10.96 -8.50 26.33
CA HIS A 205 -11.09 -9.79 25.67
C HIS A 205 -10.31 -9.85 24.36
N MET A 206 -9.92 -8.69 23.84
CA MET A 206 -9.08 -8.61 22.66
C MET A 206 -8.18 -7.39 22.84
N ASN A 207 -7.13 -7.34 22.02
CA ASN A 207 -6.13 -6.29 22.05
C ASN A 207 -6.13 -5.59 20.69
N ALA A 208 -6.30 -4.26 20.68
CA ALA A 208 -6.45 -3.52 19.43
C ALA A 208 -5.19 -3.55 18.56
N ASP A 209 -4.06 -3.98 19.09
CA ASP A 209 -2.83 -4.14 18.34
C ASP A 209 -2.70 -5.48 17.65
N THR A 210 -3.61 -6.43 17.90
CA THR A 210 -3.47 -7.74 17.28
C THR A 210 -3.59 -7.62 15.77
N ASP A 211 -2.64 -8.22 15.06
CA ASP A 211 -2.56 -8.22 13.61
C ASP A 211 -2.50 -9.67 13.11
N TYR A 212 -2.28 -9.84 11.81
CA TYR A 212 -2.35 -11.18 11.21
C TYR A 212 -1.33 -12.14 11.82
N SER A 213 -0.08 -11.70 11.95
CA SER A 213 0.92 -12.63 12.45
C SER A 213 0.76 -12.92 13.94
N ILE A 214 0.31 -11.94 14.74
CA ILE A 214 0.16 -12.20 16.17
C ILE A 214 -0.97 -13.19 16.41
N ALA A 215 -2.11 -12.99 15.72
CA ALA A 215 -3.24 -13.89 15.86
C ALA A 215 -2.90 -15.28 15.37
N GLU A 216 -2.17 -15.37 14.25
CA GLU A 216 -1.84 -16.68 13.67
C GLU A 216 -0.93 -17.48 14.59
N ALA A 217 0.12 -16.85 15.13
CA ALA A 217 1.01 -17.54 16.04
C ALA A 217 0.25 -18.02 17.27
N ALA A 218 -0.55 -17.14 17.86
CA ALA A 218 -1.27 -17.51 19.08
C ALA A 218 -2.18 -18.72 18.84
N PHE A 219 -2.95 -18.70 17.76
CA PHE A 219 -3.79 -19.85 17.47
C PHE A 219 -2.95 -21.08 17.16
N ASN A 220 -1.84 -20.90 16.45
CA ASN A 220 -1.09 -22.06 15.99
C ASN A 220 -0.18 -22.62 17.06
N LYS A 221 0.08 -21.86 18.12
CA LYS A 221 0.78 -22.35 19.30
C LYS A 221 -0.18 -22.95 20.32
N GLY A 222 -1.48 -22.93 20.03
CA GLY A 222 -2.49 -23.44 20.93
C GLY A 222 -2.84 -22.54 22.08
N GLU A 223 -2.65 -21.22 21.96
CA GLU A 223 -2.84 -20.30 23.09
C GLU A 223 -4.19 -19.59 23.09
N THR A 224 -4.88 -19.56 21.97
CA THR A 224 -6.22 -18.99 21.91
C THR A 224 -7.16 -20.04 21.32
N ALA A 225 -8.42 -19.99 21.72
CA ALA A 225 -9.32 -21.07 21.32
C ALA A 225 -9.90 -20.84 19.92
N MET A 226 -9.97 -19.59 19.47
CA MET A 226 -10.49 -19.27 18.14
C MET A 226 -9.62 -18.25 17.42
N THR A 227 -9.66 -18.31 16.09
CA THR A 227 -9.25 -17.20 15.23
C THR A 227 -10.29 -17.05 14.13
N ILE A 228 -10.09 -16.06 13.27
CA ILE A 228 -10.91 -15.86 12.08
C ILE A 228 -9.97 -15.67 10.89
N ASN A 229 -10.10 -16.52 9.89
CA ASN A 229 -9.18 -16.49 8.78
C ASN A 229 -9.81 -17.20 7.60
N GLY A 230 -9.12 -17.13 6.44
CA GLY A 230 -9.55 -17.79 5.23
C GLY A 230 -8.76 -19.03 4.92
N PRO A 231 -8.98 -19.62 3.75
CA PRO A 231 -8.37 -20.93 3.46
C PRO A 231 -6.86 -20.92 3.38
N TRP A 232 -6.27 -19.81 2.93
CA TRP A 232 -4.81 -19.72 2.80
C TRP A 232 -4.12 -20.02 4.13
N ALA A 233 -4.82 -19.81 5.25
CA ALA A 233 -4.24 -20.01 6.58
C ALA A 233 -4.19 -21.48 7.03
N TRP A 234 -4.91 -22.39 6.36
CA TRP A 234 -5.02 -23.74 6.90
C TRP A 234 -3.72 -24.50 6.84
N SER A 235 -2.87 -24.21 5.84
CA SER A 235 -1.64 -24.98 5.70
CA SER A 235 -1.63 -24.97 5.68
C SER A 235 -0.75 -24.82 6.92
N ASN A 236 -0.68 -23.60 7.46
CA ASN A 236 0.18 -23.38 8.62
C ASN A 236 -0.40 -24.02 9.87
N ILE A 237 -1.73 -24.13 9.96
CA ILE A 237 -2.31 -24.84 11.09
C ILE A 237 -1.97 -26.32 11.01
N ASP A 238 -2.07 -26.91 9.81
CA ASP A 238 -1.79 -28.33 9.60
C ASP A 238 -0.43 -28.71 10.16
N THR A 239 0.61 -27.97 9.78
CA THR A 239 1.96 -28.31 10.20
C THR A 239 2.18 -28.13 11.70
N SER A 240 1.32 -27.36 12.38
CA SER A 240 1.39 -27.24 13.83
C SER A 240 0.52 -28.27 14.53
N LYS A 241 -0.24 -29.07 13.78
CA LYS A 241 -1.00 -30.23 14.27
C LYS A 241 -1.94 -29.88 15.41
N VAL A 242 -2.32 -28.59 15.52
CA VAL A 242 -3.44 -28.22 16.36
C VAL A 242 -4.70 -28.90 15.82
N ASN A 243 -5.51 -29.44 16.73
CA ASN A 243 -6.74 -30.15 16.37
C ASN A 243 -7.82 -29.10 16.15
N TYR A 244 -7.89 -28.57 14.93
CA TYR A 244 -8.78 -27.47 14.59
C TYR A 244 -9.95 -27.91 13.72
N GLY A 245 -11.05 -27.16 13.85
CA GLY A 245 -12.15 -27.26 12.91
C GLY A 245 -12.50 -25.89 12.33
N VAL A 246 -13.27 -25.94 11.25
CA VAL A 246 -13.70 -24.75 10.50
C VAL A 246 -15.22 -24.76 10.46
N THR A 247 -15.84 -23.67 10.90
CA THR A 247 -17.29 -23.68 11.03
C THR A 247 -17.84 -22.28 10.77
N VAL A 248 -19.15 -22.15 10.95
CA VAL A 248 -19.86 -20.89 10.67
CA VAL A 248 -19.87 -20.90 10.68
C VAL A 248 -19.44 -19.82 11.66
N LEU A 249 -19.32 -18.58 11.15
CA LEU A 249 -19.05 -17.44 12.02
C LEU A 249 -20.21 -17.24 13.00
N PRO A 250 -19.94 -16.65 14.16
CA PRO A 250 -21.02 -16.48 15.15
C PRO A 250 -22.01 -15.43 14.68
N THR A 251 -23.25 -15.58 15.12
CA THR A 251 -24.26 -14.57 14.84
C THR A 251 -24.08 -13.36 15.77
N PHE A 252 -24.60 -12.22 15.33
CA PHE A 252 -24.64 -11.01 16.12
C PHE A 252 -26.04 -10.46 16.10
N LYS A 253 -26.54 -10.06 17.29
CA LYS A 253 -27.92 -9.62 17.44
C LYS A 253 -28.88 -10.54 16.70
N GLY A 254 -28.65 -11.86 16.78
CA GLY A 254 -29.53 -12.85 16.20
C GLY A 254 -29.30 -13.16 14.73
N GLN A 255 -28.46 -12.37 14.04
CA GLN A 255 -28.30 -12.45 12.61
C GLN A 255 -26.91 -12.98 12.22
N PRO A 256 -26.79 -13.68 11.09
CA PRO A 256 -25.48 -14.20 10.68
C PRO A 256 -24.46 -13.08 10.44
N SER A 257 -23.20 -13.40 10.73
CA SER A 257 -22.10 -12.59 10.24
C SER A 257 -22.06 -12.71 8.73
N LYS A 258 -21.71 -11.62 8.04
CA LYS A 258 -21.79 -11.55 6.59
C LYS A 258 -20.43 -11.18 6.00
N PRO A 259 -19.54 -12.17 5.81
CA PRO A 259 -18.21 -11.86 5.24
C PRO A 259 -18.33 -11.43 3.79
N PHE A 260 -17.51 -10.45 3.41
CA PHE A 260 -17.39 -10.11 2.00
C PHE A 260 -16.66 -11.24 1.28
N VAL A 261 -17.26 -11.78 0.25
CA VAL A 261 -16.69 -12.93 -0.44
C VAL A 261 -15.76 -12.45 -1.56
N GLY A 262 -14.54 -12.97 -1.59
CA GLY A 262 -13.57 -12.62 -2.62
C GLY A 262 -13.37 -13.75 -3.61
N VAL A 263 -13.14 -13.40 -4.88
CA VAL A 263 -12.71 -14.35 -5.90
C VAL A 263 -11.26 -14.00 -6.25
N LEU A 264 -10.30 -14.84 -5.83
CA LEU A 264 -8.93 -14.67 -6.27
C LEU A 264 -8.89 -14.71 -7.80
N SER A 265 -8.24 -13.70 -8.40
CA SER A 265 -8.34 -13.49 -9.85
C SER A 265 -7.00 -13.09 -10.44
N ALA A 266 -6.82 -13.41 -11.72
CA ALA A 266 -5.57 -13.13 -12.44
C ALA A 266 -5.87 -12.18 -13.59
N GLY A 267 -5.43 -10.93 -13.46
CA GLY A 267 -5.53 -9.96 -14.54
C GLY A 267 -4.28 -9.93 -15.41
N ILE A 268 -4.43 -9.53 -16.67
CA ILE A 268 -3.30 -9.38 -17.59
C ILE A 268 -3.05 -7.89 -17.81
N ASN A 269 -1.85 -7.43 -17.45
CA ASN A 269 -1.43 -6.04 -17.67
C ASN A 269 -1.69 -5.63 -19.12
N ALA A 270 -2.40 -4.51 -19.29
CA ALA A 270 -2.66 -4.03 -20.65
C ALA A 270 -1.36 -3.61 -21.36
N ALA A 271 -0.34 -3.19 -20.61
CA ALA A 271 0.94 -2.82 -21.22
C ALA A 271 1.81 -4.01 -21.55
N SER A 272 1.36 -5.22 -21.26
CA SER A 272 2.22 -6.37 -21.41
C SER A 272 2.36 -6.72 -22.88
N PRO A 273 3.58 -6.96 -23.36
CA PRO A 273 3.78 -7.50 -24.71
C PRO A 273 3.74 -9.03 -24.76
N ASN A 274 3.30 -9.68 -23.68
CA ASN A 274 3.30 -11.12 -23.56
C ASN A 274 1.90 -11.67 -23.32
N LYS A 275 0.88 -10.99 -23.85
CA LYS A 275 -0.50 -11.34 -23.49
C LYS A 275 -0.85 -12.75 -23.94
N GLU A 276 -0.33 -13.18 -25.09
CA GLU A 276 -0.57 -14.53 -25.55
C GLU A 276 0.13 -15.55 -24.66
N LEU A 277 1.34 -15.24 -24.19
CA LEU A 277 2.01 -16.14 -23.27
C LEU A 277 1.26 -16.23 -21.94
N ALA A 278 0.72 -15.11 -21.45
CA ALA A 278 -0.07 -15.12 -20.22
C ALA A 278 -1.35 -15.91 -20.38
N LYS A 279 -2.02 -15.76 -21.52
CA LYS A 279 -3.24 -16.55 -21.75
C LYS A 279 -2.92 -18.04 -21.76
N GLU A 280 -1.80 -18.42 -22.36
CA GLU A 280 -1.41 -19.83 -22.41
C GLU A 280 -1.14 -20.37 -21.00
N PHE A 281 -0.34 -19.63 -20.22
CA PHE A 281 -0.04 -20.03 -18.85
C PHE A 281 -1.31 -20.19 -18.02
N LEU A 282 -2.14 -19.14 -17.97
CA LEU A 282 -3.32 -19.18 -17.12
C LEU A 282 -4.28 -20.30 -17.52
N GLU A 283 -4.59 -20.41 -18.81
CA GLU A 283 -5.65 -21.33 -19.23
C GLU A 283 -5.21 -22.79 -19.22
N ASN A 284 -4.01 -23.09 -19.73
CA ASN A 284 -3.63 -24.48 -19.91
C ASN A 284 -2.54 -24.96 -18.96
N TYR A 285 -2.07 -24.11 -18.03
CA TYR A 285 -1.15 -24.56 -16.99
C TYR A 285 -1.70 -24.35 -15.59
N LEU A 286 -2.15 -23.14 -15.26
CA LEU A 286 -2.65 -22.87 -13.91
C LEU A 286 -4.07 -23.40 -13.72
N LEU A 287 -4.99 -23.02 -14.61
CA LEU A 287 -6.39 -23.40 -14.47
C LEU A 287 -6.62 -24.81 -15.03
N THR A 288 -5.84 -25.75 -14.47
CA THR A 288 -5.95 -27.18 -14.69
C THR A 288 -5.96 -27.89 -13.34
N ASP A 289 -6.35 -29.18 -13.34
CA ASP A 289 -6.33 -29.94 -12.10
C ASP A 289 -4.93 -29.99 -11.50
N GLU A 290 -3.92 -30.18 -12.36
CA GLU A 290 -2.53 -30.29 -11.89
C GLU A 290 -2.00 -28.93 -11.43
N GLY A 291 -2.35 -27.85 -12.13
CA GLY A 291 -1.89 -26.54 -11.71
C GLY A 291 -2.51 -26.08 -10.40
N LEU A 292 -3.83 -26.25 -10.26
CA LEU A 292 -4.50 -25.83 -9.04
C LEU A 292 -4.09 -26.68 -7.86
N GLU A 293 -3.85 -27.98 -8.08
CA GLU A 293 -3.35 -28.81 -6.98
C GLU A 293 -2.00 -28.31 -6.48
N ALA A 294 -1.12 -27.89 -7.39
CA ALA A 294 0.18 -27.40 -6.97
C ALA A 294 0.05 -26.13 -6.13
N VAL A 295 -0.83 -25.21 -6.54
CA VAL A 295 -1.01 -24.01 -5.73
C VAL A 295 -1.69 -24.38 -4.42
N ASN A 296 -2.68 -25.27 -4.48
CA ASN A 296 -3.43 -25.63 -3.28
C ASN A 296 -2.58 -26.36 -2.25
N LYS A 297 -1.65 -27.20 -2.71
CA LYS A 297 -0.77 -27.90 -1.78
C LYS A 297 0.20 -26.96 -1.06
N ASP A 298 0.34 -25.73 -1.52
CA ASP A 298 1.22 -24.75 -0.86
C ASP A 298 0.40 -24.02 0.20
N LYS A 299 -0.59 -23.24 -0.24
CA LYS A 299 -1.57 -22.63 0.65
C LYS A 299 -2.93 -22.88 0.03
N PRO A 300 -3.90 -23.38 0.79
CA PRO A 300 -5.20 -23.71 0.19
C PRO A 300 -5.90 -22.50 -0.41
N LEU A 301 -6.54 -22.73 -1.56
CA LEU A 301 -7.17 -21.67 -2.34
C LEU A 301 -8.62 -21.40 -1.93
N GLY A 302 -9.28 -22.34 -1.30
CA GLY A 302 -10.71 -22.24 -1.09
C GLY A 302 -11.48 -23.07 -2.11
N ALA A 303 -12.65 -22.59 -2.53
CA ALA A 303 -13.45 -23.28 -3.55
C ALA A 303 -12.97 -22.79 -4.91
N VAL A 304 -12.24 -23.64 -5.63
CA VAL A 304 -11.61 -23.19 -6.87
C VAL A 304 -12.67 -23.03 -7.95
N ALA A 305 -12.36 -22.18 -8.93
CA ALA A 305 -13.31 -21.81 -9.96
C ALA A 305 -13.44 -22.89 -11.03
N LEU A 306 -12.46 -23.78 -11.12
CA LEU A 306 -12.43 -24.84 -12.12
C LEU A 306 -13.28 -26.02 -11.66
N LYS A 307 -14.33 -26.33 -12.43
CA LYS A 307 -15.31 -27.31 -11.98
C LYS A 307 -14.70 -28.68 -11.73
N SER A 308 -13.79 -29.13 -12.60
CA SER A 308 -13.21 -30.46 -12.43
C SER A 308 -12.48 -30.59 -11.10
N TYR A 309 -11.58 -29.65 -10.78
CA TYR A 309 -10.79 -29.78 -9.56
C TYR A 309 -11.59 -29.46 -8.31
N GLU A 310 -12.69 -28.71 -8.45
CA GLU A 310 -13.56 -28.52 -7.30
C GLU A 310 -14.29 -29.80 -6.92
N GLU A 311 -14.72 -30.58 -7.93
CA GLU A 311 -15.32 -31.88 -7.66
C GLU A 311 -14.42 -32.74 -6.76
N GLU A 312 -13.11 -32.76 -7.06
CA GLU A 312 -12.14 -33.47 -6.25
C GLU A 312 -11.95 -32.86 -4.87
N LEU A 313 -12.44 -31.65 -4.64
CA LEU A 313 -12.27 -30.95 -3.37
C LEU A 313 -13.56 -30.86 -2.58
N ALA A 314 -14.70 -31.24 -3.17
CA ALA A 314 -16.00 -31.03 -2.52
C ALA A 314 -16.05 -31.67 -1.15
N LYS A 315 -15.43 -32.84 -0.99
CA LYS A 315 -15.53 -33.59 0.26
C LYS A 315 -14.98 -32.80 1.45
N ASP A 316 -14.05 -31.85 1.22
CA ASP A 316 -13.31 -31.21 2.30
C ASP A 316 -14.24 -30.39 3.22
N PRO A 317 -14.40 -30.80 4.49
CA PRO A 317 -15.31 -30.08 5.38
C PRO A 317 -14.93 -28.62 5.54
N ARG A 318 -13.65 -28.29 5.37
CA ARG A 318 -13.23 -26.90 5.50
C ARG A 318 -13.78 -26.07 4.35
N ILE A 319 -13.77 -26.63 3.12
CA ILE A 319 -14.40 -25.98 1.97
C ILE A 319 -15.89 -25.78 2.20
N ALA A 320 -16.56 -26.80 2.76
CA ALA A 320 -18.00 -26.70 2.95
C ALA A 320 -18.35 -25.57 3.93
N ALA A 321 -17.59 -25.46 5.02
CA ALA A 321 -17.81 -24.36 5.96
C ALA A 321 -17.49 -23.01 5.30
N THR A 322 -16.43 -22.97 4.49
CA THR A 322 -16.12 -21.75 3.75
C THR A 322 -17.32 -21.31 2.93
N MET A 323 -17.96 -22.25 2.23
CA MET A 323 -19.05 -21.84 1.36
C MET A 323 -20.34 -21.61 2.13
N GLU A 324 -20.47 -22.20 3.31
CA GLU A 324 -21.58 -21.88 4.19
C GLU A 324 -21.51 -20.43 4.64
N ASN A 325 -20.32 -19.98 5.08
CA ASN A 325 -20.13 -18.57 5.42
C ASN A 325 -20.30 -17.67 4.21
N ALA A 326 -19.77 -18.09 3.05
CA ALA A 326 -19.93 -17.29 1.84
C ALA A 326 -21.40 -17.06 1.54
N GLN A 327 -22.21 -18.09 1.69
CA GLN A 327 -23.64 -17.98 1.48
C GLN A 327 -24.26 -16.91 2.36
N LYS A 328 -23.74 -16.72 3.56
CA LYS A 328 -24.35 -15.75 4.45
C LYS A 328 -23.87 -14.33 4.16
N GLY A 329 -22.66 -14.16 3.61
CA GLY A 329 -22.18 -12.87 3.17
C GLY A 329 -22.54 -12.59 1.73
N GLU A 330 -21.80 -11.66 1.11
CA GLU A 330 -22.00 -11.27 -0.27
C GLU A 330 -20.67 -11.29 -1.02
N ILE A 331 -20.72 -11.56 -2.32
CA ILE A 331 -19.55 -11.31 -3.15
C ILE A 331 -19.31 -9.81 -3.24
N MET A 332 -18.07 -9.41 -3.05
CA MET A 332 -17.70 -8.00 -3.08
C MET A 332 -18.09 -7.40 -4.42
N PRO A 333 -18.46 -6.12 -4.44
CA PRO A 333 -18.48 -5.40 -5.71
C PRO A 333 -17.06 -5.35 -6.27
N ASN A 334 -16.94 -5.05 -7.56
CA ASN A 334 -15.62 -4.82 -8.11
C ASN A 334 -15.44 -3.38 -8.57
N ILE A 335 -16.44 -2.54 -8.36
CA ILE A 335 -16.47 -1.18 -8.87
C ILE A 335 -15.27 -0.39 -8.32
N PRO A 336 -14.84 0.66 -9.04
CA PRO A 336 -13.65 1.41 -8.60
C PRO A 336 -13.69 1.92 -7.16
N GLN A 337 -14.86 2.25 -6.63
CA GLN A 337 -14.98 2.85 -5.30
C GLN A 337 -14.72 1.88 -4.16
N MET A 338 -14.52 0.60 -4.46
CA MET A 338 -14.30 -0.39 -3.41
C MET A 338 -13.02 -0.10 -2.63
N SER A 339 -11.99 0.45 -3.28
CA SER A 339 -10.76 0.68 -2.52
C SER A 339 -10.92 1.88 -1.60
N ALA A 340 -11.69 2.90 -2.03
CA ALA A 340 -12.00 4.02 -1.15
C ALA A 340 -12.85 3.57 0.04
N PHE A 341 -13.79 2.65 -0.21
CA PHE A 341 -14.56 2.03 0.88
C PHE A 341 -13.65 1.37 1.90
N TRP A 342 -12.78 0.47 1.46
CA TRP A 342 -11.90 -0.24 2.38
C TRP A 342 -10.98 0.73 3.13
N TYR A 343 -10.33 1.65 2.40
CA TYR A 343 -9.44 2.62 3.06
C TYR A 343 -10.18 3.33 4.18
N ALA A 344 -11.42 3.75 3.92
CA ALA A 344 -12.22 4.46 4.90
C ALA A 344 -12.56 3.56 6.09
N VAL A 345 -13.08 2.36 5.83
CA VAL A 345 -13.44 1.47 6.93
C VAL A 345 -12.20 1.01 7.69
N ARG A 346 -11.05 0.87 7.03
CA ARG A 346 -9.84 0.52 7.76
C ARG A 346 -9.55 1.54 8.86
N THR A 347 -9.74 2.83 8.55
CA THR A 347 -9.43 3.89 9.48
C THR A 347 -10.43 3.96 10.62
N ALA A 348 -11.72 3.81 10.30
CA ALA A 348 -12.73 3.79 11.37
C ALA A 348 -12.41 2.71 12.38
N VAL A 349 -12.12 1.51 11.89
CA VAL A 349 -11.90 0.39 12.79
C VAL A 349 -10.68 0.63 13.67
N ILE A 350 -9.58 1.07 13.06
CA ILE A 350 -8.37 1.33 13.83
C ILE A 350 -8.62 2.44 14.84
N ASN A 351 -9.29 3.52 14.40
CA ASN A 351 -9.40 4.69 15.27
C ASN A 351 -10.37 4.44 16.43
N ALA A 352 -11.45 3.69 16.19
CA ALA A 352 -12.37 3.35 17.28
C ALA A 352 -11.75 2.34 18.22
N ALA A 353 -11.10 1.31 17.67
CA ALA A 353 -10.51 0.28 18.53
C ALA A 353 -9.46 0.87 19.47
N SER A 354 -8.63 1.80 18.96
CA SER A 354 -7.66 2.44 19.81
C SER A 354 -8.29 3.40 20.82
N GLY A 355 -9.55 3.76 20.63
CA GLY A 355 -10.20 4.75 21.49
C GLY A 355 -9.92 6.20 21.13
N ARG A 356 -9.19 6.47 20.04
CA ARG A 356 -8.95 7.85 19.63
C ARG A 356 -10.24 8.55 19.23
N GLN A 357 -11.14 7.82 18.59
CA GLN A 357 -12.45 8.34 18.23
C GLN A 357 -13.52 7.42 18.78
N THR A 358 -14.70 7.98 19.04
CA THR A 358 -15.87 7.17 19.32
C THR A 358 -16.30 6.42 18.05
N VAL A 359 -17.12 5.38 18.25
CA VAL A 359 -17.60 4.59 17.11
C VAL A 359 -18.39 5.48 16.15
N ASP A 360 -19.26 6.34 16.68
CA ASP A 360 -20.13 7.17 15.86
C ASP A 360 -19.31 8.10 14.97
N GLU A 361 -18.30 8.77 15.52
CA GLU A 361 -17.53 9.71 14.69
C GLU A 361 -16.59 8.98 13.73
N ALA A 362 -16.00 7.86 14.19
CA ALA A 362 -15.16 7.09 13.29
C ALA A 362 -15.96 6.57 12.10
N LEU A 363 -17.18 6.09 12.32
CA LEU A 363 -17.97 5.60 11.19
C LEU A 363 -18.61 6.74 10.40
N LYS A 364 -18.85 7.89 11.05
CA LYS A 364 -19.31 9.07 10.34
C LYS A 364 -18.26 9.55 9.34
N ASP A 365 -16.99 9.49 9.74
CA ASP A 365 -15.91 9.92 8.85
C ASP A 365 -15.74 8.94 7.69
N ALA A 366 -15.74 7.64 7.98
CA ALA A 366 -15.58 6.65 6.93
C ALA A 366 -16.73 6.70 5.93
N GLN A 367 -17.95 6.95 6.40
CA GLN A 367 -19.06 7.10 5.47
C GLN A 367 -18.77 8.21 4.47
N THR A 368 -18.32 9.36 4.97
CA THR A 368 -17.99 10.47 4.08
C THR A 368 -16.88 10.10 3.09
N ASN A 369 -15.83 9.44 3.58
CA ASN A 369 -14.67 9.18 2.73
C ASN A 369 -14.84 7.97 1.85
N ALA A 370 -15.82 7.11 2.13
CA ALA A 370 -16.09 5.98 1.25
C ALA A 370 -16.59 6.43 -0.11
N ALA A 371 -16.92 7.72 -0.29
CA ALA A 371 -17.35 8.27 -1.58
C ALA A 371 -16.28 9.18 -2.23
N ALA A 372 -15.00 8.96 -1.93
CA ALA A 372 -13.93 9.83 -2.43
C ALA A 372 -13.37 9.40 -3.79
N ASP A 376 -7.08 8.24 -3.72
CA ASP A 376 -6.60 9.28 -2.82
C ASP A 376 -6.81 8.90 -1.34
N LYS A 377 -6.00 8.00 -0.82
CA LYS A 377 -6.23 7.57 0.55
C LYS A 377 -5.84 8.62 1.57
N HIS A 378 -5.31 9.76 1.13
CA HIS A 378 -4.94 10.84 2.06
C HIS A 378 -6.15 11.41 2.80
N VAL A 379 -7.35 11.34 2.20
CA VAL A 379 -8.55 11.89 2.83
C VAL A 379 -8.78 11.33 4.23
N ASN A 380 -8.28 10.11 4.51
CA ASN A 380 -8.51 9.47 5.79
C ASN A 380 -7.48 9.83 6.86
N TYR A 381 -6.38 10.50 6.50
CA TYR A 381 -5.28 10.67 7.43
C TYR A 381 -5.53 11.85 8.35
N LYS A 382 -4.97 11.76 9.56
CA LYS A 382 -4.91 12.92 10.45
C LYS A 382 -3.91 13.93 9.90
N VAL A 383 -4.31 15.21 9.85
CA VAL A 383 -3.56 16.28 9.18
C VAL A 383 -2.80 17.10 10.22
N PHE A 384 -1.54 17.41 9.91
CA PHE A 384 -0.69 18.26 10.72
C PHE A 384 -0.09 19.38 9.87
N ILE A 385 0.24 20.51 10.52
CA ILE A 385 0.99 21.60 9.92
C ILE A 385 2.31 21.74 10.67
N TYR A 386 3.39 21.96 9.95
CA TYR A 386 4.70 22.01 10.59
C TYR A 386 4.95 23.41 11.15
N ASP A 387 5.25 23.47 12.45
CA ASP A 387 5.65 24.70 13.13
C ASP A 387 7.17 24.78 13.07
N HIS A 388 7.73 25.60 12.18
CA HIS A 388 9.18 25.63 12.03
C HIS A 388 9.90 26.33 13.19
N ILE A 389 9.17 27.01 14.07
CA ILE A 389 9.79 27.67 15.21
C ILE A 389 10.05 26.66 16.33
N ARG A 390 8.98 26.04 16.83
CA ARG A 390 9.05 24.96 17.80
C ARG A 390 9.53 23.65 17.19
N GLN A 391 9.51 23.53 15.86
CA GLN A 391 9.99 22.34 15.15
C GLN A 391 9.18 21.08 15.51
N ILE A 392 7.85 21.27 15.62
CA ILE A 392 6.92 20.15 15.79
C ILE A 392 5.81 20.27 14.76
N ALA A 393 5.11 19.17 14.54
CA ALA A 393 3.91 19.14 13.72
C ALA A 393 2.68 19.26 14.61
N ILE A 394 1.79 20.18 14.27
CA ILE A 394 0.65 20.53 15.10
C ILE A 394 -0.61 19.99 14.43
N PRO A 395 -1.44 19.21 15.15
CA PRO A 395 -2.66 18.69 14.53
C PRO A 395 -3.62 19.84 14.21
N THR A 396 -4.19 19.82 13.02
CA THR A 396 -5.12 20.87 12.63
C THR A 396 -6.32 20.27 11.90
N THR A 397 -7.51 20.77 12.21
CA THR A 397 -8.70 20.42 11.44
C THR A 397 -9.09 21.49 10.43
N ASN A 398 -8.36 22.62 10.40
CA ASN A 398 -8.52 23.62 9.35
C ASN A 398 -8.00 23.15 8.00
N LEU A 399 -7.11 22.16 7.97
CA LEU A 399 -6.47 21.71 6.76
C LEU A 399 -6.92 20.30 6.42
N ASN A 400 -7.07 20.02 5.12
CA ASN A 400 -7.32 18.66 4.70
C ASN A 400 -6.35 18.29 3.59
N SER A 401 -6.56 17.15 2.95
CA SER A 401 -5.63 16.62 1.97
C SER A 401 -5.69 17.40 0.66
N GLN A 402 -6.62 18.34 0.54
CA GLN A 402 -6.84 19.15 -0.64
C GLN A 402 -6.63 20.63 -0.36
N SER A 403 -6.16 20.98 0.83
CA SER A 403 -6.06 22.39 1.23
C SER A 403 -5.18 23.19 0.28
N SER A 404 -5.55 24.45 0.11
CA SER A 404 -4.85 25.36 -0.79
C SER A 404 -3.50 25.76 -0.22
N LEU A 405 -2.65 26.30 -1.11
CA LEU A 405 -1.37 26.86 -0.67
C LEU A 405 -1.58 28.02 0.30
N GLU A 406 -2.55 28.89 0.01
CA GLU A 406 -2.86 30.02 0.87
C GLU A 406 -3.30 29.58 2.26
N ASP A 407 -4.15 28.55 2.33
CA ASP A 407 -4.58 28.03 3.63
C ASP A 407 -3.43 27.40 4.39
N ILE A 408 -2.54 26.68 3.70
CA ILE A 408 -1.41 26.08 4.38
C ILE A 408 -0.45 27.16 4.89
N ILE A 409 -0.19 28.18 4.07
CA ILE A 409 0.70 29.25 4.53
C ILE A 409 0.08 29.99 5.71
N ASP A 410 -1.23 30.22 5.67
CA ASP A 410 -1.90 30.88 6.78
C ASP A 410 -1.74 30.04 8.05
N GLU A 411 -2.02 28.74 7.95
CA GLU A 411 -1.98 27.87 9.11
C GLU A 411 -0.57 27.75 9.66
N SER A 412 0.45 27.81 8.81
CA SER A 412 1.80 27.59 9.32
C SER A 412 2.32 28.78 10.13
N THR A 413 1.70 29.96 10.03
CA THR A 413 1.96 31.02 10.99
C THR A 413 0.96 31.03 12.15
N SER A 414 -0.32 30.72 11.90
CA SER A 414 -1.32 30.67 12.97
C SER A 414 -1.02 29.58 13.99
N CYS A 415 -0.41 28.47 13.56
CA CYS A 415 -0.23 27.33 14.46
C CYS A 415 0.76 27.61 15.57
N GLN A 416 1.55 28.68 15.46
CA GLN A 416 2.63 28.90 16.42
C GLN A 416 2.12 29.32 17.80
N SER A 417 0.91 29.87 17.88
CA SER A 417 0.28 30.26 19.15
C SER A 417 -0.71 29.22 19.64
N VAL A 418 -0.53 27.97 19.24
CA VAL A 418 -1.49 26.92 19.54
C VAL A 418 -0.85 25.96 20.51
N SER A 419 -1.67 25.40 21.39
CA SER A 419 -1.23 24.37 22.32
C SER A 419 -0.51 23.22 21.61
N THR A 420 0.50 22.66 22.28
CA THR A 420 1.26 21.52 21.76
C THR A 420 0.54 20.18 21.91
N ASP A 421 -0.66 20.12 22.50
CA ASP A 421 -1.31 18.84 22.70
C ASP A 421 -1.56 18.14 21.38
N GLY A 422 -1.28 16.84 21.35
CA GLY A 422 -1.43 16.06 20.13
C GLY A 422 -0.37 16.30 19.09
N SER A 423 0.56 17.21 19.32
CA SER A 423 1.63 17.43 18.36
C SER A 423 2.51 16.19 18.25
N ILE A 424 3.34 16.17 17.21
CA ILE A 424 4.33 15.12 17.05
C ILE A 424 5.64 15.77 16.67
N GLU A 425 6.71 15.02 16.83
CA GLU A 425 8.00 15.34 16.24
C GLU A 425 8.19 14.44 15.04
N ILE A 426 8.86 14.95 14.03
CA ILE A 426 9.25 14.16 12.87
C ILE A 426 10.77 14.15 12.87
N ASP A 427 11.37 13.05 13.36
CA ASP A 427 12.82 12.98 13.48
C ASP A 427 13.49 13.09 12.12
N GLY A 428 14.44 14.01 12.02
CA GLY A 428 15.18 14.19 10.78
C GLY A 428 14.53 15.09 9.75
N LEU A 429 13.42 15.74 10.09
CA LEU A 429 12.94 16.87 9.31
C LEU A 429 13.69 18.12 9.77
N THR A 430 14.37 18.80 8.85
CA THR A 430 15.04 20.04 9.19
C THR A 430 14.66 21.08 8.16
N LEU A 431 14.26 22.27 8.61
CA LEU A 431 13.95 23.36 7.71
C LEU A 431 14.79 24.58 8.05
N ILE A 432 15.48 25.15 7.06
CA ILE A 432 16.28 26.36 7.25
C ILE A 432 15.65 27.47 6.43
N HIS A 433 15.06 28.46 7.14
CA HIS A 433 14.12 29.39 6.53
C HIS A 433 14.74 30.22 5.42
N ASN A 434 15.92 30.79 5.67
CA ASN A 434 16.54 31.71 4.70
C ASN A 434 17.95 31.23 4.37
N PHE A 435 18.05 30.04 3.79
CA PHE A 435 19.36 29.42 3.62
C PHE A 435 20.23 30.25 2.66
N LEU A 436 19.67 30.68 1.53
CA LEU A 436 20.39 31.51 0.58
C LEU A 436 19.97 32.97 0.72
N SER A 437 20.93 33.86 0.61
CA SER A 437 20.58 35.26 0.44
C SER A 437 20.09 35.50 -0.98
N GLU A 438 19.58 36.70 -1.24
CA GLU A 438 19.11 37.01 -2.58
C GLU A 438 20.25 37.01 -3.59
N SER A 439 21.42 37.49 -3.19
CA SER A 439 22.53 37.54 -4.15
C SER A 439 23.14 36.17 -4.38
N GLU A 440 23.18 35.30 -3.36
CA GLU A 440 23.66 33.94 -3.62
C GLU A 440 22.72 33.21 -4.56
N GLU A 441 21.42 33.37 -4.35
CA GLU A 441 20.44 32.79 -5.26
C GLU A 441 20.62 33.29 -6.68
N SER A 442 20.82 34.61 -6.86
CA SER A 442 21.03 35.16 -8.20
C SER A 442 22.26 34.55 -8.85
N LYS A 443 23.38 34.50 -8.12
CA LYS A 443 24.58 33.85 -8.61
C LYS A 443 24.27 32.45 -9.13
N ILE A 444 23.64 31.62 -8.29
CA ILE A 444 23.39 30.23 -8.71
C ILE A 444 22.42 30.18 -9.88
N LEU A 445 21.36 31.00 -9.83
CA LEU A 445 20.35 30.98 -10.89
C LEU A 445 20.93 31.43 -12.22
N ASN A 446 21.87 32.39 -12.22
CA ASN A 446 22.48 32.80 -13.48
C ASN A 446 23.37 31.69 -14.04
N MET A 447 24.06 30.95 -13.17
CA MET A 447 24.82 29.78 -13.61
C MET A 447 23.88 28.70 -14.15
N ILE A 448 22.77 28.45 -13.44
CA ILE A 448 21.89 27.34 -13.83
C ILE A 448 21.30 27.59 -15.21
N ASP A 449 20.90 28.82 -15.50
CA ASP A 449 20.25 29.04 -16.77
C ASP A 449 21.23 29.22 -17.93
N THR A 450 22.52 28.96 -17.70
CA THR A 450 23.47 28.73 -18.78
C THR A 450 23.57 27.26 -19.18
N VAL A 451 22.84 26.38 -18.52
CA VAL A 451 22.93 24.94 -18.74
C VAL A 451 21.61 24.48 -19.35
N GLU A 452 21.70 23.48 -20.23
CA GLU A 452 20.51 22.96 -20.89
C GLU A 452 19.64 22.21 -19.90
N TRP A 453 18.32 22.34 -20.08
CA TRP A 453 17.32 21.62 -19.31
C TRP A 453 16.82 20.42 -20.12
N ALA A 454 16.42 19.37 -19.41
CA ALA A 454 15.91 18.16 -20.04
C ALA A 454 14.46 17.94 -19.63
N GLN A 455 13.64 17.44 -20.56
CA GLN A 455 12.27 17.11 -20.23
C GLN A 455 12.24 15.95 -19.23
N SER A 456 11.28 15.99 -18.30
CA SER A 456 11.14 14.95 -17.30
C SER A 456 9.65 14.69 -17.05
N GLN A 457 9.36 13.97 -15.97
CA GLN A 457 8.00 13.55 -15.68
C GLN A 457 7.18 14.65 -15.04
N SER A 458 5.86 14.59 -15.27
CA SER A 458 4.90 15.37 -14.50
C SER A 458 5.13 16.87 -14.69
N GLY A 459 5.50 17.26 -15.90
CA GLY A 459 5.68 18.65 -16.22
C GLY A 459 6.91 19.31 -15.62
N ARG A 460 7.85 18.52 -15.11
CA ARG A 460 9.14 19.05 -14.67
C ARG A 460 10.17 18.99 -15.81
N ARG A 461 11.14 19.88 -15.75
CA ARG A 461 12.38 19.76 -16.50
C ARG A 461 13.51 19.57 -15.49
N LYS A 462 14.64 19.02 -15.95
CA LYS A 462 15.68 18.66 -15.00
C LYS A 462 17.06 18.87 -15.60
N GLN A 463 17.99 19.26 -14.74
CA GLN A 463 19.41 19.22 -14.99
C GLN A 463 19.97 18.17 -14.04
N ASP A 464 20.62 17.15 -14.59
CA ASP A 464 21.06 15.99 -13.82
C ASP A 464 22.58 15.95 -13.77
N TYR A 465 23.13 15.95 -12.56
CA TYR A 465 24.57 15.82 -12.34
C TYR A 465 24.78 14.58 -11.49
N GLY A 466 25.24 13.51 -12.13
CA GLY A 466 25.47 12.25 -11.44
C GLY A 466 25.31 11.10 -12.40
N PRO A 467 25.27 9.89 -11.89
CA PRO A 467 25.24 8.72 -12.76
C PRO A 467 23.85 8.45 -13.28
N LYS A 468 23.79 7.73 -14.40
CA LYS A 468 22.57 7.08 -14.85
C LYS A 468 22.35 5.85 -13.99
N VAL A 469 21.16 5.71 -13.42
CA VAL A 469 20.88 4.60 -12.52
C VAL A 469 19.66 3.86 -13.06
N ASN A 470 19.83 2.56 -13.30
CA ASN A 470 18.72 1.63 -13.46
C ASN A 470 18.40 1.14 -12.05
N PHE A 471 17.41 1.76 -11.42
CA PHE A 471 17.09 1.42 -10.04
C PHE A 471 16.56 0.00 -9.93
N LYS A 472 15.77 -0.44 -10.93
CA LYS A 472 15.13 -1.75 -10.87
C LYS A 472 16.15 -2.88 -10.99
N HIS A 473 17.13 -2.71 -11.88
CA HIS A 473 18.14 -3.73 -12.15
C HIS A 473 19.43 -3.54 -11.32
N LYS A 474 19.52 -2.46 -10.54
CA LYS A 474 20.71 -2.11 -9.77
C LYS A 474 21.95 -2.03 -10.66
N LYS A 475 21.84 -1.24 -11.71
CA LYS A 475 22.95 -1.01 -12.62
C LYS A 475 23.20 0.48 -12.76
N VAL A 476 24.48 0.84 -12.88
CA VAL A 476 24.91 2.22 -12.84
C VAL A 476 25.83 2.48 -14.04
N LYS A 477 25.57 3.57 -14.74
CA LYS A 477 26.41 4.03 -15.85
C LYS A 477 26.96 5.40 -15.49
N THR A 478 28.27 5.58 -15.62
CA THR A 478 28.92 6.83 -15.28
C THR A 478 29.43 7.59 -16.50
N ASP A 479 28.99 7.18 -17.71
CA ASP A 479 29.41 7.84 -18.95
C ASP A 479 29.05 9.32 -18.94
N THR A 480 27.88 9.66 -18.44
CA THR A 480 27.39 11.03 -18.43
C THR A 480 27.85 11.84 -17.22
N PHE A 481 28.48 11.20 -16.25
CA PHE A 481 28.83 11.82 -14.97
C PHE A 481 30.25 12.39 -15.09
N VAL A 482 30.35 13.71 -15.29
CA VAL A 482 31.64 14.39 -15.43
C VAL A 482 31.94 15.33 -14.27
N GLY A 483 31.09 15.35 -13.24
CA GLY A 483 31.33 16.21 -12.09
C GLY A 483 30.06 16.83 -11.53
N MET A 484 30.19 17.68 -10.51
CA MET A 484 29.13 18.42 -9.87
C MET A 484 29.15 19.88 -10.36
N PRO A 485 28.01 20.59 -10.30
CA PRO A 485 28.03 22.00 -10.72
C PRO A 485 28.93 22.86 -9.83
N GLU A 486 29.43 23.95 -10.41
CA GLU A 486 30.46 24.76 -9.78
C GLU A 486 30.01 25.30 -8.43
N TYR A 487 28.73 25.62 -8.29
CA TYR A 487 28.16 26.17 -7.05
C TYR A 487 27.98 25.11 -5.95
N ALA A 488 28.37 23.85 -6.19
CA ALA A 488 28.20 22.82 -5.17
C ALA A 488 28.99 23.14 -3.91
N ASP A 489 30.21 23.68 -4.08
CA ASP A 489 31.07 23.94 -2.93
C ASP A 489 30.47 24.99 -2.01
N MET A 490 30.00 26.10 -2.58
CA MET A 490 29.42 27.15 -1.77
C MET A 490 28.20 26.66 -1.00
N LEU A 491 27.42 25.72 -1.58
CA LEU A 491 26.30 25.14 -0.85
C LEU A 491 26.76 24.20 0.24
N LEU A 492 27.73 23.33 -0.07
CA LEU A 492 28.15 22.34 0.91
C LEU A 492 28.84 23.00 2.10
N ASN A 493 29.70 23.98 1.84
CA ASN A 493 30.34 24.73 2.92
C ASN A 493 29.30 25.46 3.77
N LYS A 494 28.31 26.09 3.11
CA LYS A 494 27.28 26.82 3.84
C LYS A 494 26.39 25.88 4.65
N MET A 495 26.17 24.66 4.15
CA MET A 495 25.45 23.68 4.94
C MET A 495 26.22 23.32 6.20
N SER A 496 27.55 23.16 6.07
CA SER A 496 28.41 22.80 7.19
C SER A 496 28.51 23.94 8.21
N GLU A 497 28.67 25.18 7.75
CA GLU A 497 28.69 26.33 8.66
C GLU A 497 27.43 26.43 9.49
N TYR A 498 26.26 26.31 8.85
CA TYR A 498 25.00 26.53 9.55
C TYR A 498 24.74 25.45 10.59
N ASP A 499 24.96 24.19 10.23
CA ASP A 499 24.58 23.08 11.10
C ASP A 499 25.45 21.89 10.73
N VAL A 500 26.65 21.85 11.30
CA VAL A 500 27.62 20.84 10.91
C VAL A 500 27.15 19.45 11.33
N LYS A 501 26.47 19.37 12.48
CA LYS A 501 25.96 18.10 12.97
C LYS A 501 24.95 17.49 12.02
N LYS A 502 24.11 18.32 11.40
CA LYS A 502 23.03 17.82 10.56
C LYS A 502 23.38 17.79 9.07
N LEU A 503 24.14 18.78 8.59
CA LEU A 503 24.35 19.01 7.16
C LEU A 503 25.81 18.94 6.74
N GLY A 504 26.71 18.57 7.66
CA GLY A 504 28.12 18.46 7.30
C GLY A 504 28.52 17.04 6.91
N ASN A 505 29.76 16.91 6.48
CA ASN A 505 30.32 15.66 5.98
C ASN A 505 29.42 15.04 4.92
N TYR A 506 29.01 15.88 3.98
CA TYR A 506 28.04 15.51 2.97
C TYR A 506 28.79 15.39 1.65
N GLN A 507 28.85 14.18 1.11
CA GLN A 507 29.54 13.89 -0.15
C GLN A 507 28.50 13.71 -1.24
N PRO A 508 28.27 14.72 -2.10
CA PRO A 508 27.15 14.64 -3.06
C PRO A 508 27.39 13.55 -4.10
N PHE A 509 26.45 12.61 -4.16
CA PHE A 509 26.44 11.54 -5.16
C PHE A 509 25.59 11.90 -6.37
N GLU A 510 24.62 12.79 -6.18
CA GLU A 510 23.80 13.34 -7.24
C GLU A 510 23.44 14.75 -6.81
N MET A 511 23.53 15.68 -7.73
CA MET A 511 22.83 16.95 -7.64
C MET A 511 21.90 17.04 -8.83
N CYS A 512 20.67 17.46 -8.57
CA CYS A 512 19.64 17.46 -9.60
CA CYS A 512 19.62 17.44 -9.57
C CYS A 512 18.76 18.69 -9.40
N ASN A 513 18.71 19.53 -10.42
CA ASN A 513 17.82 20.68 -10.43
C ASN A 513 16.50 20.24 -11.03
N LEU A 514 15.40 20.61 -10.39
CA LEU A 514 14.05 20.27 -10.85
C LEU A 514 13.30 21.58 -11.05
N GLU A 515 12.88 21.84 -12.28
CA GLU A 515 12.15 23.04 -12.61
C GLU A 515 10.65 22.74 -12.65
N TYR A 516 9.88 23.53 -11.90
CA TYR A 516 8.43 23.51 -11.92
C TYR A 516 7.92 24.81 -12.53
N GLU A 517 6.83 24.72 -13.27
CA GLU A 517 6.11 25.90 -13.74
C GLU A 517 4.63 25.72 -13.45
N GLU A 518 4.04 26.71 -12.80
CA GLU A 518 2.61 26.65 -12.53
C GLU A 518 1.80 26.51 -13.82
N VAL A 519 2.24 27.15 -14.91
CA VAL A 519 1.49 27.02 -16.15
C VAL A 519 1.54 25.59 -16.68
N LYS A 520 2.61 24.87 -16.42
CA LYS A 520 2.69 23.49 -16.89
C LYS A 520 2.08 22.50 -15.93
N LYS A 521 1.47 22.96 -14.84
CA LYS A 521 0.91 22.07 -13.80
C LYS A 521 1.95 21.09 -13.27
N SER A 522 3.22 21.51 -13.24
CA SER A 522 4.29 20.63 -12.76
C SER A 522 4.05 20.21 -11.32
N ALA A 523 4.49 18.99 -11.00
CA ALA A 523 4.29 18.41 -9.68
C ALA A 523 5.27 17.27 -9.50
N ILE A 524 5.31 16.69 -8.31
CA ILE A 524 6.04 15.44 -8.12
C ILE A 524 5.26 14.60 -7.13
N GLU A 525 4.86 13.42 -7.57
CA GLU A 525 3.95 12.56 -6.83
C GLU A 525 4.62 12.10 -5.53
N MET A 526 3.80 11.76 -4.55
CA MET A 526 4.33 11.26 -3.30
C MET A 526 5.22 10.05 -3.53
N HIS A 527 6.38 10.05 -2.86
CA HIS A 527 7.36 9.01 -3.10
C HIS A 527 8.33 8.95 -1.91
N GLN A 528 9.01 7.82 -1.83
CA GLN A 528 10.25 7.71 -1.09
C GLN A 528 11.37 7.59 -2.11
N ASP A 529 12.45 8.32 -1.85
CA ASP A 529 13.58 8.29 -2.76
C ASP A 529 14.34 6.98 -2.58
N ASP A 530 14.98 6.54 -3.66
CA ASP A 530 15.70 5.26 -3.65
C ASP A 530 16.70 5.21 -2.50
N MET A 531 16.83 4.02 -1.92
CA MET A 531 17.69 3.77 -0.77
C MET A 531 18.78 2.76 -1.07
N TRP A 532 18.94 2.36 -2.33
CA TRP A 532 20.04 1.50 -2.71
C TRP A 532 21.30 2.32 -2.96
N ILE A 533 21.21 3.37 -3.79
CA ILE A 533 22.36 4.20 -4.13
C ILE A 533 22.37 5.51 -3.33
N TRP A 534 21.21 6.11 -3.05
CA TRP A 534 21.18 7.34 -2.27
C TRP A 534 21.08 7.01 -0.78
N GLY A 535 21.84 7.76 0.03
CA GLY A 535 21.90 7.58 1.48
C GLY A 535 20.87 8.40 2.25
N ASN A 536 21.27 8.78 3.47
CA ASN A 536 20.30 9.22 4.49
C ASN A 536 19.65 10.56 4.14
N ARG A 537 20.46 11.60 3.93
CA ARG A 537 19.97 12.97 3.93
C ARG A 537 19.68 13.42 2.50
N LEU A 538 18.41 13.73 2.24
CA LEU A 538 17.98 14.35 0.99
C LEU A 538 17.86 15.84 1.20
N ILE A 539 18.54 16.63 0.37
CA ILE A 539 18.56 18.07 0.47
C ILE A 539 17.71 18.62 -0.66
N SER A 540 16.92 19.64 -0.36
CA SER A 540 16.22 20.39 -1.40
C SER A 540 16.19 21.86 -1.06
N ILE A 541 16.55 22.71 -2.02
CA ILE A 541 16.65 24.15 -1.82
C ILE A 541 15.71 24.85 -2.79
N ASN A 542 14.93 25.79 -2.29
CA ASN A 542 13.83 26.37 -3.04
C ASN A 542 14.28 27.64 -3.76
N LEU A 543 14.48 27.55 -5.07
CA LEU A 543 14.90 28.70 -5.87
C LEU A 543 13.69 29.35 -6.52
N ILE A 544 13.75 30.68 -6.64
CA ILE A 544 12.76 31.52 -7.32
C ILE A 544 11.45 31.63 -6.55
N ASN A 545 10.87 30.49 -6.15
CA ASN A 545 9.62 30.50 -5.40
C ASN A 545 9.63 29.38 -4.37
N GLY A 546 8.89 29.61 -3.29
CA GLY A 546 8.68 28.58 -2.30
C GLY A 546 7.57 27.64 -2.71
N SER A 547 7.24 26.72 -1.81
CA SER A 547 6.17 25.75 -2.05
C SER A 547 5.88 24.99 -0.77
N VAL A 548 5.20 23.86 -0.88
CA VAL A 548 4.84 23.01 0.25
C VAL A 548 5.33 21.60 -0.04
N MET A 549 6.17 21.07 0.85
CA MET A 549 6.42 19.62 0.86
C MET A 549 5.31 18.94 1.64
N THR A 550 4.55 18.08 0.96
CA THR A 550 3.54 17.25 1.59
C THR A 550 4.18 15.96 2.07
N LEU A 551 4.03 15.66 3.35
CA LEU A 551 4.59 14.47 3.99
C LEU A 551 3.45 13.54 4.43
N SER A 552 3.64 12.24 4.20
CA SER A 552 2.63 11.24 4.60
C SER A 552 3.29 10.04 5.26
N ASN A 553 2.59 9.48 6.24
CA ASN A 553 3.02 8.27 6.96
C ASN A 553 1.86 7.28 6.87
N ASP A 554 1.96 6.27 6.00
CA ASP A 554 0.86 5.32 5.87
C ASP A 554 0.69 4.52 7.15
N ASN A 555 1.81 4.09 7.74
CA ASN A 555 1.77 3.32 8.97
C ASN A 555 0.95 4.01 10.04
N LYS A 556 0.98 5.33 10.10
CA LYS A 556 0.26 6.03 11.13
C LYS A 556 -0.92 6.82 10.68
N SER A 557 -1.13 6.88 9.39
CA SER A 557 -2.17 7.68 8.77
C SER A 557 -2.04 9.15 9.11
N PHE A 558 -0.85 9.69 8.92
CA PHE A 558 -0.60 11.09 9.19
C PHE A 558 -0.23 11.81 7.91
N LEU A 559 -0.74 13.02 7.77
CA LEU A 559 -0.46 13.89 6.68
C LEU A 559 0.04 15.18 7.29
N CYS A 560 1.21 15.62 6.89
CA CYS A 560 1.82 16.84 7.40
C CYS A 560 2.31 17.76 6.30
N TYR A 561 1.82 18.97 6.28
CA TYR A 561 2.25 19.99 5.34
C TYR A 561 3.41 20.80 5.93
N VAL A 562 4.47 20.94 5.15
CA VAL A 562 5.68 21.69 5.49
C VAL A 562 5.79 22.84 4.50
N HIS A 563 5.48 24.06 4.93
CA HIS A 563 5.69 25.22 4.08
C HIS A 563 7.18 25.49 3.89
N MET A 564 7.62 25.54 2.62
CA MET A 564 9.03 25.80 2.31
C MET A 564 9.12 27.16 1.64
N PRO A 565 9.40 28.22 2.38
CA PRO A 565 9.43 29.55 1.76
C PRO A 565 10.58 29.69 0.78
N HIS A 566 10.42 30.66 -0.11
CA HIS A 566 11.45 30.97 -1.08
C HIS A 566 12.80 31.14 -0.41
N ARG A 567 13.82 30.51 -1.01
CA ARG A 567 15.22 30.43 -0.56
C ARG A 567 15.43 29.58 0.69
N SER A 568 14.46 28.76 1.08
CA SER A 568 14.68 27.87 2.22
C SER A 568 15.39 26.58 1.79
N LEU A 569 16.09 25.97 2.74
CA LEU A 569 16.63 24.63 2.57
C LEU A 569 15.78 23.65 3.37
N LEU A 570 15.48 22.51 2.76
CA LEU A 570 14.85 21.37 3.41
C LEU A 570 15.85 20.22 3.43
N CYS A 571 15.92 19.51 4.55
CA CYS A 571 16.67 18.27 4.63
C CYS A 571 15.77 17.20 5.24
N MET A 572 15.58 16.09 4.51
CA MET A 572 14.81 14.96 5.01
C MET A 572 15.75 13.80 5.28
N ALA A 573 15.80 13.39 6.55
CA ALA A 573 16.72 12.38 7.03
C ALA A 573 15.97 11.49 8.00
N ASP A 574 16.61 10.37 8.36
CA ASP A 574 16.15 9.44 9.39
C ASP A 574 14.68 9.10 9.25
N GLU A 575 13.87 9.35 10.29
CA GLU A 575 12.47 8.99 10.21
C GLU A 575 11.81 9.64 9.00
N CYS A 576 12.02 10.96 8.83
CA CYS A 576 11.41 11.68 7.72
C CYS A 576 11.77 11.07 6.37
N ARG A 577 12.92 10.41 6.28
CA ARG A 577 13.42 9.86 5.03
C ARG A 577 12.98 8.41 4.79
N TYR A 578 12.91 7.61 5.87
CA TYR A 578 12.65 6.18 5.78
C TYR A 578 11.24 5.78 6.19
N ASP A 579 10.56 6.58 7.01
CA ASP A 579 9.20 6.26 7.46
C ASP A 579 8.11 7.08 6.80
N TRP A 580 8.46 8.10 6.01
CA TRP A 580 7.48 9.00 5.41
C TRP A 580 7.72 9.10 3.91
N LYS A 581 6.67 9.49 3.20
CA LYS A 581 6.77 9.88 1.80
C LYS A 581 6.68 11.40 1.71
N HIS A 582 7.24 11.95 0.63
CA HIS A 582 7.14 13.38 0.39
C HIS A 582 6.75 13.60 -1.07
N GLY A 583 6.24 14.80 -1.34
CA GLY A 583 5.82 15.11 -2.69
C GLY A 583 5.47 16.58 -2.75
N VAL A 584 5.24 17.05 -3.97
CA VAL A 584 4.80 18.42 -4.15
C VAL A 584 3.57 18.39 -5.04
N LEU A 585 2.42 18.71 -4.46
CA LEU A 585 1.18 18.73 -5.21
C LEU A 585 1.17 19.93 -6.14
N ALA A 586 0.59 19.75 -7.32
CA ALA A 586 0.68 20.77 -8.37
C ALA A 586 0.06 22.09 -7.94
N HIS A 587 -1.02 22.07 -7.13
CA HIS A 587 -1.65 23.33 -6.74
C HIS A 587 -0.90 24.07 -5.64
N HIS A 588 0.27 23.58 -5.26
CA HIS A 588 1.12 24.30 -4.35
C HIS A 588 2.31 24.95 -5.07
N ILE A 589 2.34 24.89 -6.40
CA ILE A 589 3.39 25.57 -7.16
C ILE A 589 2.86 26.94 -7.58
N ARG A 590 3.64 27.99 -7.33
CA ARG A 590 3.34 29.31 -7.86
C ARG A 590 4.49 29.77 -8.75
N GLY A 591 4.14 30.20 -9.96
CA GLY A 591 5.12 30.66 -10.92
C GLY A 591 6.16 29.61 -11.19
N ARG A 592 7.41 30.03 -11.20
CA ARG A 592 8.53 29.15 -11.48
C ARG A 592 9.22 28.81 -10.17
N ARG A 593 9.57 27.55 -10.02
CA ARG A 593 10.37 27.11 -8.88
C ARG A 593 11.39 26.13 -9.42
N ILE A 594 12.62 26.27 -8.95
CA ILE A 594 13.65 25.27 -9.16
C ILE A 594 13.99 24.69 -7.80
N ALA A 595 13.84 23.37 -7.67
CA ALA A 595 14.29 22.64 -6.49
C ALA A 595 15.71 22.16 -6.77
N LEU A 596 16.68 22.74 -6.08
CA LEU A 596 18.08 22.36 -6.18
C LEU A 596 18.30 21.24 -5.17
N THR A 597 18.39 20.01 -5.65
CA THR A 597 18.40 18.86 -4.77
C THR A 597 19.77 18.21 -4.76
N MET A 598 20.04 17.48 -3.68
CA MET A 598 21.25 16.68 -3.55
C MET A 598 20.91 15.37 -2.88
N ARG A 599 21.63 14.31 -3.28
CA ARG A 599 21.67 13.03 -2.60
C ARG A 599 23.12 12.79 -2.16
N GLU A 600 23.30 12.12 -1.04
CA GLU A 600 24.63 11.67 -0.64
C GLU A 600 24.76 10.19 -0.94
N ALA A 601 25.95 9.67 -0.71
CA ALA A 601 26.23 8.26 -0.99
C ALA A 601 25.51 7.38 0.02
N ALA A 602 24.97 6.27 -0.47
CA ALA A 602 24.48 5.25 0.46
C ALA A 602 25.66 4.53 1.11
N LYS A 603 25.35 3.73 2.15
CA LYS A 603 26.42 3.07 2.90
C LYS A 603 27.08 1.97 2.08
N ASP A 604 26.31 1.24 1.27
CA ASP A 604 26.89 0.24 0.38
C ASP A 604 27.90 0.83 -0.57
N PHE A 605 27.83 2.12 -0.84
CA PHE A 605 28.70 2.76 -1.82
C PHE A 605 29.85 3.52 -1.18
N ALA A 606 29.76 3.85 0.11
CA ALA A 606 30.81 4.60 0.79
C ALA A 606 32.02 3.69 1.05
N GLU A 607 33.08 4.28 1.64
CA GLU A 607 34.40 3.68 1.72
C GLU A 607 34.47 2.33 2.44
N GLY A 608 33.40 1.87 3.08
CA GLY A 608 33.42 0.54 3.67
C GLY A 608 32.25 -0.33 3.26
N GLY A 609 31.65 -0.03 2.10
CA GLY A 609 30.45 -0.73 1.65
C GLY A 609 30.73 -1.91 0.74
N GLU A 610 29.65 -2.62 0.40
CA GLU A 610 29.72 -3.80 -0.44
C GLU A 610 29.95 -3.47 -1.91
N LEU A 611 29.43 -2.33 -2.39
CA LEU A 611 29.62 -1.89 -3.76
C LEU A 611 30.62 -0.75 -3.91
N TYR A 612 31.41 -0.46 -2.87
CA TYR A 612 32.43 0.58 -2.97
C TYR A 612 33.38 0.32 -4.14
N GLU A 613 33.83 -0.93 -4.31
CA GLU A 613 34.81 -1.23 -5.34
C GLU A 613 34.18 -1.21 -6.73
N LYS A 614 33.00 -1.81 -6.88
CA LYS A 614 32.35 -1.91 -8.18
C LYS A 614 31.92 -0.53 -8.71
N TYR A 615 31.35 0.32 -7.83
CA TYR A 615 30.75 1.60 -8.20
C TYR A 615 31.17 2.76 -7.30
N GLY A 616 31.29 2.53 -5.99
CA GLY A 616 31.35 3.64 -5.03
C GLY A 616 32.57 4.52 -5.18
N ALA A 617 33.77 3.93 -5.33
CA ALA A 617 34.98 4.72 -5.46
C ALA A 617 34.98 5.57 -6.73
N GLU A 618 34.46 5.01 -7.83
CA GLU A 618 34.36 5.78 -9.08
C GLU A 618 33.43 6.97 -8.93
N LEU A 619 32.28 6.77 -8.27
CA LEU A 619 31.32 7.85 -8.07
C LEU A 619 31.86 8.94 -7.16
N ILE A 620 32.72 8.58 -6.20
CA ILE A 620 33.31 9.57 -5.31
C ILE A 620 34.27 10.47 -6.08
N ARG A 621 35.12 9.88 -6.93
CA ARG A 621 36.05 10.68 -7.74
C ARG A 621 35.29 11.67 -8.63
N LEU A 622 34.32 11.18 -9.39
CA LEU A 622 33.57 12.06 -10.29
C LEU A 622 32.84 13.15 -9.52
N GLY A 623 32.24 12.79 -8.37
CA GLY A 623 31.55 13.75 -7.54
C GLY A 623 32.48 14.80 -6.93
N ASN A 624 33.77 14.53 -6.89
CA ASN A 624 34.70 15.52 -6.38
C ASN A 624 35.12 16.56 -7.42
N ILE A 625 34.96 16.29 -8.72
CA ILE A 625 35.39 17.26 -9.72
C ILE A 625 34.24 18.22 -10.03
N ARG A 626 34.61 19.40 -10.53
CA ARG A 626 33.69 20.51 -10.66
C ARG A 626 33.57 20.94 -12.12
N VAL A 627 32.35 21.27 -12.53
CA VAL A 627 32.05 21.70 -13.88
C VAL A 627 31.96 23.23 -13.88
N PRO A 628 32.76 23.92 -14.68
CA PRO A 628 32.76 25.38 -14.63
C PRO A 628 31.61 25.97 -15.43
N LEU A 629 31.16 27.13 -14.97
CA LEU A 629 30.06 27.85 -15.61
C LEU A 629 30.43 29.30 -15.86
C1 GLC B . -6.48 -12.04 2.03
C2 GLC B . -7.73 -12.07 1.15
C3 GLC B . -8.02 -10.71 0.63
C4 GLC B . -8.23 -9.74 1.75
C5 GLC B . -7.00 -9.71 2.66
C6 GLC B . -7.31 -8.91 3.91
O1 GLC B . -5.37 -11.65 1.35
O2 GLC B . -7.53 -12.92 0.00
O3 GLC B . -9.22 -10.79 -0.17
O4 GLC B . -8.33 -8.44 1.18
O5 GLC B . -6.64 -11.05 3.12
O6 GLC B . -6.07 -8.68 4.54
C1 GLC B . -9.63 -7.99 1.07
C2 GLC B . -9.75 -7.28 -0.25
C3 GLC B . -8.75 -6.17 -0.35
C4 GLC B . -8.91 -5.15 0.75
C5 GLC B . -8.93 -5.85 2.12
C6 GLC B . -9.33 -4.91 3.23
O2 GLC B . -9.58 -8.27 -1.32
O3 GLC B . -8.88 -5.48 -1.62
O4 GLC B . -7.78 -4.21 0.69
O5 GLC B . -9.87 -7.00 2.17
O6 GLC B . -8.87 -5.43 4.48
C1 GLC B . -8.13 -2.85 0.52
C2 GLC B . -7.19 -2.20 -0.45
C3 GLC B . -5.78 -2.23 0.01
C4 GLC B . -5.56 -1.61 1.34
C5 GLC B . -6.59 -2.07 2.40
C6 GLC B . -6.60 -1.17 3.49
O2 GLC B . -7.32 -2.91 -1.72
O3 GLC B . -4.90 -1.53 -0.98
O4 GLC B . -4.30 -2.05 1.87
O5 GLC B . -8.01 -2.17 1.82
O6 GLC B . -7.30 -1.81 4.52
C1 GLC B . -3.24 -1.13 1.61
C2 GLC B . -1.92 -1.77 1.88
C3 GLC B . -1.63 -1.97 3.32
C4 GLC B . -1.74 -0.71 4.07
C5 GLC B . -3.15 -0.07 3.91
C6 GLC B . -3.16 1.19 4.53
O2 GLC B . -1.86 -3.06 1.21
O3 GLC B . -0.26 -2.51 3.49
O4 GLC B . -1.49 -0.96 5.47
O5 GLC B . -3.43 0.10 2.40
O6 GLC B . -1.87 1.71 4.49
C TRS C . 9.56 -10.22 -3.49
C1 TRS C . 11.03 -10.13 -3.92
C2 TRS C . 9.39 -10.66 -2.03
C3 TRS C . 8.87 -8.89 -3.71
N TRS C . 8.94 -11.20 -4.38
O1 TRS C . 11.72 -11.35 -3.67
O2 TRS C . 8.93 -9.62 -1.16
O3 TRS C . 8.78 -8.61 -5.08
N GLY D . 1.18 -11.55 -27.02
CA GLY D . 0.14 -10.69 -27.54
C GLY D . 0.38 -9.25 -27.12
O GLY D . 0.04 -8.29 -27.83
OXT GLY D . 0.96 -9.02 -26.07
C1 OGA E . 13.51 15.29 -2.98
C2 OGA E . 12.20 15.57 -3.70
C4 OGA E . 10.89 17.49 -4.84
C5 OGA E . 11.05 19.00 -4.76
O1 OGA E . 13.84 14.10 -2.77
O2 OGA E . 14.23 16.25 -2.63
O2' OGA E . 11.42 14.68 -3.87
O3 OGA E . 11.70 19.53 -3.81
N1 OGA E . 12.02 16.95 -4.12
O4 OGA E . 10.54 19.72 -5.63
MG MG F . 12.13 13.08 -3.17
N1 EPE G . -8.66 12.17 11.48
C2 EPE G . -9.54 11.14 12.01
C3 EPE G . -8.94 10.70 13.32
N4 EPE G . -8.70 11.78 14.24
C5 EPE G . -8.36 13.11 13.73
C6 EPE G . -8.77 13.39 12.28
C7 EPE G . -8.24 11.41 15.57
C8 EPE G . -7.80 9.95 15.63
O8 EPE G . -6.55 9.79 15.02
C9 EPE G . -9.02 12.44 10.09
C10 EPE G . -10.50 12.77 10.00
S EPE G . -10.87 13.22 8.30
O1S EPE G . -11.65 14.46 8.29
O2S EPE G . -11.57 12.11 7.65
O3S EPE G . -9.61 13.47 7.60
C1 PEG H . -1.78 -8.94 3.32
O1 PEG H . -2.32 -10.22 3.54
C2 PEG H . -2.83 -8.01 2.83
O2 PEG H . -2.23 -6.77 2.48
C3 PEG H . -1.01 -6.90 1.76
C4 PEG H . -0.94 -5.86 0.67
O4 PEG H . -0.12 -6.27 -0.42
#